data_5FPN
#
_entry.id   5FPN
#
_cell.length_a   48.820
_cell.length_b   94.850
_cell.length_c   81.870
_cell.angle_alpha   90.00
_cell.angle_beta   90.15
_cell.angle_gamma   90.00
#
_symmetry.space_group_name_H-M   'P 1 21 1'
#
loop_
_entity.id
_entity.type
_entity.pdbx_description
1 polymer 'HEAT SHOCK-RELATED 70 KDA PROTEIN 2'
2 non-polymer '3,5-DIMETHYL-1H-PYRAZOLE-4-CARBOXYLIC ACID'
3 water water
#
_entity_poly.entity_id   1
_entity_poly.type   'polypeptide(L)'
_entity_poly.pdbx_seq_one_letter_code
;GSHMRGPAIGIDLGTTYSCVGVFQHGKVEIIANDQGNRTTPSYVAFTDTERLIGDAAKNQVAMNPTNTIFDAKRLIGRKF
EDATVQSDMKHWPFRVVSEGGKPKVQVEYKGETKTFFPEEISSMVLTKMKEIAEAYLGGKVHSAVITVPAYFNDSQRQAT
KDAGTITGLNVLRIINEPTAAAIAYGLDKKGCAGGEKNVLIFDLGGGTFDVSILTIEDGIFEVKSTAGDTHLGGEDFDNR
MVSHLAEEFKRKHKKDIGPNKRAVRRLRTACERAKRTLSSSTQASIEIDSLYEGVDFYTSITRARFEELNADLFRGTLEP
VEKALRDAKLDKGQIQEIVLVGGSTRIPKIQKLLQDFFNGKELNKSINPDEAVAYGAAVQAAILIGDKSENVQDLLLLDV
TPLSLGIETAGGVMTPLIKRNTTIPTKQTQTFTTYSDNQSSVLVQVYEGERAMTKDNNLLGKFDLTGIPPAPRGVPQIEV
TFDIDANGILNVTAADKSTGKENKITITNDKGRLSKDDIDRMVQEAERYKSEDEANRDRVAAKNALESYTYNIKQTVEDE
KLRGKISEQDKNKILDKCQEVINWLDRNQMAEKDEYEHKQKELERVCNPIISKLYQGGPGGGSGGGGSGASGGPTIEEVD
;
_entity_poly.pdbx_strand_id   A,B
#
# COMPACT_ATOMS: atom_id res chain seq x y z
N GLY A 6 -33.88 -9.86 12.06
CA GLY A 6 -33.20 -8.60 11.78
C GLY A 6 -32.46 -8.54 10.44
N PRO A 7 -31.28 -9.20 10.29
CA PRO A 7 -30.57 -10.10 11.21
C PRO A 7 -30.05 -9.50 12.53
N ALA A 8 -29.82 -10.36 13.52
CA ALA A 8 -29.24 -9.98 14.81
C ALA A 8 -27.71 -9.87 14.71
N ILE A 9 -27.12 -8.64 14.59
CA ILE A 9 -25.65 -8.43 14.36
C ILE A 9 -24.88 -7.74 15.50
N GLY A 10 -23.70 -8.28 15.84
CA GLY A 10 -22.82 -7.71 16.84
C GLY A 10 -21.50 -7.28 16.23
N ILE A 11 -21.05 -6.06 16.53
CA ILE A 11 -19.75 -5.59 16.04
C ILE A 11 -18.82 -5.13 17.19
N ASP A 12 -17.65 -5.76 17.27
CA ASP A 12 -16.54 -5.29 18.09
C ASP A 12 -15.75 -4.37 17.20
N LEU A 13 -15.85 -3.06 17.43
CA LEU A 13 -15.09 -2.05 16.65
C LEU A 13 -13.81 -1.82 17.44
N GLY A 14 -12.77 -2.56 17.09
CA GLY A 14 -11.55 -2.64 17.90
C GLY A 14 -10.56 -1.58 17.48
N THR A 15 -9.63 -1.22 18.40
CA THR A 15 -8.54 -0.27 18.11
C THR A 15 -7.71 -0.71 16.87
N THR A 16 -7.27 -1.98 16.79
CA THR A 16 -6.54 -2.38 15.58
C THR A 16 -7.24 -3.44 14.74
N TYR A 17 -8.14 -4.24 15.33
CA TYR A 17 -8.93 -5.27 14.63
C TYR A 17 -10.37 -5.19 15.08
N SER A 18 -11.29 -5.45 14.16
CA SER A 18 -12.72 -5.53 14.39
C SER A 18 -13.22 -6.95 14.14
N CYS A 19 -14.41 -7.27 14.65
CA CYS A 19 -14.98 -8.62 14.58
C CYS A 19 -16.50 -8.46 14.49
N VAL A 20 -17.16 -9.31 13.69
CA VAL A 20 -18.62 -9.23 13.51
C VAL A 20 -19.22 -10.61 13.70
N GLY A 21 -20.30 -10.68 14.47
CA GLY A 21 -21.00 -11.95 14.65
C GLY A 21 -22.47 -11.79 14.39
N VAL A 22 -23.12 -12.91 14.09
CA VAL A 22 -24.59 -13.00 13.94
C VAL A 22 -25.17 -14.06 14.92
N PHE A 23 -26.29 -13.73 15.55
CA PHE A 23 -27.06 -14.69 16.31
C PHE A 23 -28.17 -15.22 15.42
N GLN A 24 -28.13 -16.55 15.14
CA GLN A 24 -28.99 -17.27 14.19
C GLN A 24 -29.23 -18.69 14.73
N HIS A 25 -30.49 -19.22 14.66
CA HIS A 25 -30.85 -20.57 15.15
C HIS A 25 -30.31 -20.84 16.55
N GLY A 26 -30.50 -19.89 17.46
CA GLY A 26 -30.16 -20.02 18.88
C GLY A 26 -28.70 -19.86 19.26
N LYS A 27 -27.79 -19.66 18.27
CA LYS A 27 -26.33 -19.60 18.53
C LYS A 27 -25.64 -18.48 17.76
N VAL A 28 -24.41 -18.12 18.20
CA VAL A 28 -23.60 -17.07 17.55
C VAL A 28 -22.72 -17.74 16.50
N GLU A 29 -22.62 -17.15 15.33
CA GLU A 29 -21.60 -17.51 14.34
C GLU A 29 -20.75 -16.26 14.12
N ILE A 30 -19.46 -16.41 14.33
CA ILE A 30 -18.51 -15.34 14.06
C ILE A 30 -18.16 -15.39 12.58
N ILE A 31 -18.13 -14.23 11.91
CA ILE A 31 -18.13 -14.22 10.46
C ILE A 31 -16.76 -13.92 9.86
N ALA A 32 -16.24 -14.83 9.01
CA ALA A 32 -14.97 -14.60 8.32
C ALA A 32 -15.19 -13.62 7.16
N ASN A 33 -14.19 -12.79 6.91
CA ASN A 33 -14.22 -11.80 5.84
C ASN A 33 -13.79 -12.49 4.51
N ASP A 34 -13.60 -11.71 3.43
CA ASP A 34 -13.33 -12.27 2.11
C ASP A 34 -11.95 -12.95 2.01
N GLN A 35 -11.00 -12.61 2.89
CA GLN A 35 -9.73 -13.32 2.96
C GLN A 35 -9.82 -14.49 3.95
N GLY A 36 -11.02 -14.80 4.45
CA GLY A 36 -11.21 -15.92 5.38
C GLY A 36 -10.81 -15.63 6.81
N ASN A 37 -10.59 -14.35 7.15
CA ASN A 37 -10.11 -13.95 8.45
C ASN A 37 -11.34 -13.64 9.32
N ARG A 38 -11.39 -14.22 10.51
CA ARG A 38 -12.48 -14.06 11.47
C ARG A 38 -12.41 -12.72 12.21
N THR A 39 -11.28 -11.99 12.09
CA THR A 39 -11.16 -10.60 12.53
C THR A 39 -10.58 -9.79 11.39
N THR A 40 -10.90 -8.47 11.36
CA THR A 40 -10.57 -7.60 10.22
C THR A 40 -9.79 -6.36 10.71
N PRO A 41 -8.61 -6.00 10.15
CA PRO A 41 -7.93 -4.77 10.60
C PRO A 41 -8.82 -3.53 10.59
N SER A 42 -8.77 -2.73 11.66
CA SER A 42 -9.51 -1.45 11.70
C SER A 42 -8.60 -0.42 11.00
N TYR A 43 -8.34 -0.70 9.71
CA TYR A 43 -7.39 0.04 8.88
C TYR A 43 -8.08 0.61 7.67
N VAL A 44 -7.75 1.87 7.32
CA VAL A 44 -8.28 2.48 6.09
C VAL A 44 -7.08 3.10 5.40
N ALA A 45 -6.87 2.80 4.11
CA ALA A 45 -5.76 3.36 3.32
C ALA A 45 -6.33 4.15 2.15
N PHE A 46 -5.69 5.27 1.86
CA PHE A 46 -6.03 6.11 0.73
C PHE A 46 -4.87 6.05 -0.24
N THR A 47 -5.18 5.82 -1.50
CA THR A 47 -4.17 5.68 -2.53
C THR A 47 -4.44 6.72 -3.64
N ASP A 48 -3.65 6.66 -4.70
CA ASP A 48 -3.86 7.45 -5.91
C ASP A 48 -5.19 7.15 -6.58
N THR A 49 -5.76 5.94 -6.41
CA THR A 49 -7.02 5.59 -7.09
C THR A 49 -8.15 5.20 -6.17
N GLU A 50 -7.85 4.78 -4.94
CA GLU A 50 -8.91 4.12 -4.17
C GLU A 50 -8.75 4.19 -2.66
N ARG A 51 -9.83 3.82 -2.01
CA ARG A 51 -9.92 3.78 -0.57
C ARG A 51 -9.96 2.28 -0.22
N LEU A 52 -8.95 1.79 0.50
CA LEU A 52 -8.84 0.39 0.93
C LEU A 52 -9.25 0.28 2.37
N ILE A 53 -10.01 -0.78 2.72
CA ILE A 53 -10.43 -1.02 4.10
C ILE A 53 -10.09 -2.44 4.51
N GLY A 54 -9.58 -2.59 5.72
CA GLY A 54 -9.46 -3.91 6.33
C GLY A 54 -8.18 -4.57 5.92
N ASP A 55 -8.23 -5.87 5.56
CA ASP A 55 -7.02 -6.60 5.17
C ASP A 55 -6.26 -5.92 4.02
N ALA A 56 -6.98 -5.39 3.01
CA ALA A 56 -6.35 -4.72 1.84
C ALA A 56 -5.57 -3.48 2.30
N ALA A 57 -6.12 -2.74 3.29
CA ALA A 57 -5.49 -1.54 3.85
C ALA A 57 -4.26 -2.01 4.68
N LYS A 58 -4.45 -2.97 5.60
CA LYS A 58 -3.29 -3.42 6.41
C LYS A 58 -2.18 -4.04 5.56
N ASN A 59 -2.52 -4.76 4.50
CA ASN A 59 -1.54 -5.45 3.67
C ASN A 59 -0.58 -4.50 2.96
N GLN A 60 -1.02 -3.25 2.61
CA GLN A 60 -0.11 -2.28 1.94
C GLN A 60 0.44 -1.21 2.90
N VAL A 61 0.26 -1.36 4.23
CA VAL A 61 0.63 -0.31 5.18
C VAL A 61 2.14 0.11 5.06
N ALA A 62 3.05 -0.85 4.78
CA ALA A 62 4.51 -0.59 4.72
C ALA A 62 4.84 0.29 3.51
N MET A 63 4.01 0.13 2.45
CA MET A 63 4.18 0.82 1.16
C MET A 63 3.54 2.18 1.18
N ASN A 64 2.63 2.41 2.11
CA ASN A 64 1.86 3.65 2.08
C ASN A 64 1.58 4.16 3.54
N PRO A 65 2.62 4.31 4.41
CA PRO A 65 2.35 4.53 5.86
C PRO A 65 1.72 5.87 6.20
N THR A 66 2.02 6.92 5.44
CA THR A 66 1.45 8.25 5.75
C THR A 66 -0.01 8.38 5.36
N ASN A 67 -0.54 7.47 4.51
CA ASN A 67 -1.94 7.56 4.08
C ASN A 67 -2.74 6.35 4.52
N THR A 68 -2.15 5.54 5.42
CA THR A 68 -2.83 4.38 6.00
C THR A 68 -3.18 4.66 7.47
N ILE A 69 -4.48 4.83 7.73
CA ILE A 69 -5.03 5.17 9.03
C ILE A 69 -5.37 3.91 9.84
N PHE A 70 -4.97 3.91 11.10
CA PHE A 70 -5.35 2.92 12.10
C PHE A 70 -5.45 3.74 13.41
N ASP A 71 -5.95 3.15 14.52
CA ASP A 71 -6.05 3.84 15.83
C ASP A 71 -7.00 5.03 15.84
N ALA A 72 -7.93 5.12 14.90
CA ALA A 72 -8.95 6.18 14.89
C ALA A 72 -9.78 6.09 16.16
N LYS A 73 -9.91 4.88 16.75
CA LYS A 73 -10.59 4.71 18.07
C LYS A 73 -9.91 5.50 19.21
N ARG A 74 -8.61 5.80 19.07
CA ARG A 74 -7.89 6.61 20.09
C ARG A 74 -8.24 8.10 19.96
N LEU A 75 -8.78 8.51 18.79
CA LEU A 75 -9.17 9.90 18.51
C LEU A 75 -10.65 10.14 18.66
N ILE A 76 -11.46 9.09 18.45
CA ILE A 76 -12.91 9.30 18.32
C ILE A 76 -13.51 9.95 19.59
N GLY A 77 -14.36 10.97 19.41
CA GLY A 77 -15.03 11.60 20.53
C GLY A 77 -14.15 12.52 21.36
N ARG A 78 -12.88 12.71 20.95
CA ARG A 78 -11.97 13.56 21.73
C ARG A 78 -11.77 14.95 21.07
N LYS A 79 -11.08 15.88 21.78
CA LYS A 79 -10.68 17.17 21.23
C LYS A 79 -9.21 17.05 20.86
N PHE A 80 -8.80 17.82 19.85
CA PHE A 80 -7.45 17.85 19.35
C PHE A 80 -6.45 18.21 20.43
N GLU A 81 -6.84 19.16 21.32
CA GLU A 81 -6.07 19.65 22.47
C GLU A 81 -5.91 18.62 23.62
N ASP A 82 -6.68 17.49 23.60
CA ASP A 82 -6.59 16.49 24.68
C ASP A 82 -5.19 15.94 24.80
N ALA A 83 -4.72 15.75 26.03
CA ALA A 83 -3.36 15.25 26.35
C ALA A 83 -3.07 13.92 25.62
N THR A 84 -4.02 12.95 25.66
CA THR A 84 -3.86 11.66 24.98
C THR A 84 -3.67 11.82 23.44
N VAL A 85 -4.43 12.73 22.80
CA VAL A 85 -4.32 13.01 21.36
C VAL A 85 -2.93 13.57 21.06
N GLN A 86 -2.48 14.55 21.85
CA GLN A 86 -1.18 15.19 21.59
C GLN A 86 -0.03 14.21 21.81
N SER A 87 -0.18 13.34 22.81
CA SER A 87 0.79 12.28 23.08
C SER A 87 0.80 11.21 21.97
N ASP A 88 -0.39 10.67 21.62
CA ASP A 88 -0.53 9.63 20.59
C ASP A 88 -0.04 10.07 19.24
N MET A 89 -0.24 11.34 18.88
CA MET A 89 0.16 11.91 17.59
C MET A 89 1.63 11.70 17.29
N LYS A 90 2.45 11.77 18.33
CA LYS A 90 3.90 11.66 18.21
C LYS A 90 4.37 10.29 17.70
N HIS A 91 3.50 9.26 17.76
CA HIS A 91 3.91 7.92 17.38
C HIS A 91 3.26 7.45 16.10
N TRP A 92 2.37 8.29 15.50
CA TRP A 92 1.70 7.85 14.26
C TRP A 92 2.47 8.31 13.05
N PRO A 93 2.51 7.52 11.95
CA PRO A 93 3.17 8.00 10.72
C PRO A 93 2.28 8.92 9.88
N PHE A 94 0.98 8.98 10.22
CA PHE A 94 0.03 9.86 9.55
C PHE A 94 -0.16 11.15 10.34
N ARG A 95 -0.53 12.20 9.62
CA ARG A 95 -0.76 13.55 10.11
C ARG A 95 -2.14 13.68 10.75
N VAL A 96 -2.18 14.38 11.89
CA VAL A 96 -3.42 14.68 12.60
C VAL A 96 -3.52 16.20 12.73
N VAL A 97 -4.65 16.74 12.34
CA VAL A 97 -4.85 18.20 12.33
C VAL A 97 -6.12 18.53 13.10
N SER A 98 -6.42 19.82 13.24
CA SER A 98 -7.54 20.34 14.02
C SER A 98 -8.55 21.08 13.13
N GLU A 99 -9.83 20.76 13.30
CA GLU A 99 -10.92 21.49 12.63
C GLU A 99 -12.03 21.75 13.67
N GLY A 100 -12.29 23.03 13.95
CA GLY A 100 -13.24 23.44 14.99
C GLY A 100 -12.97 22.77 16.32
N GLY A 101 -11.68 22.68 16.66
CA GLY A 101 -11.13 22.02 17.84
C GLY A 101 -11.23 20.50 17.85
N LYS A 102 -11.66 19.88 16.74
CA LYS A 102 -11.76 18.41 16.67
C LYS A 102 -10.57 17.83 15.90
N PRO A 103 -10.04 16.64 16.27
CA PRO A 103 -8.96 16.06 15.46
C PRO A 103 -9.53 15.46 14.20
N LYS A 104 -8.75 15.54 13.13
CA LYS A 104 -9.02 14.87 11.84
C LYS A 104 -7.73 14.25 11.35
N VAL A 105 -7.81 13.12 10.66
CA VAL A 105 -6.61 12.61 10.01
C VAL A 105 -6.48 13.33 8.68
N GLN A 106 -5.23 13.64 8.29
CA GLN A 106 -4.98 14.29 7.02
C GLN A 106 -4.18 13.32 6.16
N VAL A 107 -4.66 13.07 4.92
CA VAL A 107 -4.05 12.10 4.03
C VAL A 107 -3.99 12.66 2.62
N GLU A 108 -3.22 11.97 1.76
CA GLU A 108 -3.29 12.19 0.31
C GLU A 108 -4.23 11.12 -0.29
N TYR A 109 -5.16 11.56 -1.15
CA TYR A 109 -6.14 10.66 -1.75
C TYR A 109 -6.41 11.18 -3.16
N LYS A 110 -6.16 10.34 -4.20
CA LYS A 110 -6.32 10.73 -5.62
C LYS A 110 -5.53 12.02 -5.94
N GLY A 111 -4.34 12.13 -5.34
CA GLY A 111 -3.42 13.25 -5.57
C GLY A 111 -3.79 14.55 -4.88
N GLU A 112 -4.79 14.54 -4.01
CA GLU A 112 -5.18 15.77 -3.29
C GLU A 112 -5.15 15.53 -1.76
N THR A 113 -5.07 16.61 -0.98
CA THR A 113 -5.14 16.54 0.48
C THR A 113 -6.61 16.49 0.92
N LYS A 114 -6.93 15.51 1.76
CA LYS A 114 -8.25 15.31 2.36
C LYS A 114 -8.09 15.16 3.87
N THR A 115 -9.12 15.57 4.59
CA THR A 115 -9.21 15.37 6.04
C THR A 115 -10.45 14.59 6.36
N PHE A 116 -10.34 13.68 7.33
CA PHE A 116 -11.45 12.84 7.80
C PHE A 116 -11.58 12.87 9.31
N PHE A 117 -12.80 13.11 9.80
CA PHE A 117 -13.08 12.95 11.23
C PHE A 117 -12.88 11.50 11.62
N PRO A 118 -12.55 11.24 12.93
CA PRO A 118 -12.35 9.85 13.37
C PRO A 118 -13.56 8.97 13.13
N GLU A 119 -14.77 9.51 13.29
CA GLU A 119 -16.00 8.76 13.07
C GLU A 119 -16.19 8.47 11.59
N GLU A 120 -15.63 9.32 10.68
CA GLU A 120 -15.61 8.96 9.27
C GLU A 120 -14.75 7.77 8.96
N ILE A 121 -13.54 7.70 9.54
CA ILE A 121 -12.68 6.50 9.35
C ILE A 121 -13.37 5.29 9.95
N SER A 122 -13.91 5.44 11.18
CA SER A 122 -14.57 4.31 11.82
C SER A 122 -15.82 3.87 11.08
N SER A 123 -16.54 4.80 10.43
CA SER A 123 -17.69 4.42 9.62
C SER A 123 -17.23 3.57 8.43
N MET A 124 -16.06 3.88 7.85
CA MET A 124 -15.56 3.07 6.73
C MET A 124 -15.26 1.66 7.24
N VAL A 125 -14.63 1.54 8.43
CA VAL A 125 -14.42 0.21 9.06
C VAL A 125 -15.78 -0.49 9.28
N LEU A 126 -16.76 0.22 9.89
CA LEU A 126 -18.10 -0.37 10.09
C LEU A 126 -18.79 -0.82 8.80
N THR A 127 -18.67 -0.02 7.75
CA THR A 127 -19.18 -0.43 6.43
C THR A 127 -18.54 -1.74 5.95
N LYS A 128 -17.22 -1.85 6.03
CA LYS A 128 -16.59 -3.13 5.73
C LYS A 128 -17.17 -4.28 6.61
N MET A 129 -17.35 -4.08 7.94
CA MET A 129 -17.91 -5.15 8.78
C MET A 129 -19.36 -5.51 8.34
N LYS A 130 -20.12 -4.49 7.96
CA LYS A 130 -21.50 -4.66 7.48
C LYS A 130 -21.49 -5.51 6.20
N GLU A 131 -20.57 -5.24 5.23
CA GLU A 131 -20.56 -5.95 3.95
C GLU A 131 -20.09 -7.41 4.17
N ILE A 132 -19.17 -7.61 5.17
CA ILE A 132 -18.70 -8.98 5.58
C ILE A 132 -19.91 -9.80 6.04
N ALA A 133 -20.72 -9.23 6.93
CA ALA A 133 -21.97 -9.86 7.40
C ALA A 133 -22.97 -10.11 6.24
N GLU A 134 -23.15 -9.14 5.31
CA GLU A 134 -24.07 -9.29 4.18
C GLU A 134 -23.62 -10.36 3.18
N ALA A 135 -22.30 -10.48 2.89
CA ALA A 135 -21.77 -11.60 2.04
C ALA A 135 -22.12 -12.97 2.70
N TYR A 136 -22.01 -13.03 4.02
CA TYR A 136 -22.27 -14.24 4.77
C TYR A 136 -23.74 -14.56 4.84
N LEU A 137 -24.58 -13.54 5.04
CA LEU A 137 -26.02 -13.78 5.25
C LEU A 137 -26.85 -13.79 4.00
N GLY A 138 -26.47 -12.95 3.03
CA GLY A 138 -27.33 -12.60 1.92
C GLY A 138 -28.18 -11.42 2.33
N GLY A 139 -28.60 -10.60 1.36
CA GLY A 139 -29.46 -9.45 1.62
C GLY A 139 -28.75 -8.31 2.34
N LYS A 140 -29.50 -7.55 3.16
CA LYS A 140 -28.98 -6.34 3.81
C LYS A 140 -28.98 -6.52 5.32
N VAL A 141 -27.99 -5.92 5.98
CA VAL A 141 -27.95 -5.77 7.44
C VAL A 141 -28.49 -4.37 7.76
N HIS A 142 -29.46 -4.29 8.64
CA HIS A 142 -30.13 -3.05 9.07
C HIS A 142 -29.63 -2.53 10.45
N SER A 143 -29.41 -3.44 11.41
CA SER A 143 -29.16 -3.01 12.80
C SER A 143 -27.92 -3.71 13.37
N ALA A 144 -27.31 -3.13 14.40
CA ALA A 144 -26.17 -3.74 15.09
C ALA A 144 -26.08 -3.25 16.51
N VAL A 145 -25.60 -4.12 17.40
CA VAL A 145 -25.02 -3.67 18.66
C VAL A 145 -23.53 -3.44 18.40
N ILE A 146 -23.02 -2.25 18.80
CA ILE A 146 -21.61 -1.92 18.70
C ILE A 146 -21.07 -1.66 20.10
N THR A 147 -19.89 -2.19 20.38
CA THR A 147 -19.25 -2.14 21.69
C THR A 147 -18.22 -1.05 21.76
N VAL A 148 -18.00 -0.54 22.99
CA VAL A 148 -16.96 0.46 23.28
C VAL A 148 -16.25 0.10 24.59
N PRO A 149 -15.04 0.63 24.85
CA PRO A 149 -14.43 0.41 26.18
C PRO A 149 -15.28 1.03 27.30
N ALA A 150 -15.21 0.41 28.47
CA ALA A 150 -16.04 0.76 29.60
C ALA A 150 -15.74 2.21 30.05
N TYR A 151 -14.49 2.66 29.88
CA TYR A 151 -14.05 4.01 30.26
C TYR A 151 -14.43 5.11 29.22
N PHE A 152 -15.04 4.74 28.07
CA PHE A 152 -15.46 5.75 27.10
C PHE A 152 -16.52 6.68 27.73
N ASN A 153 -16.43 7.97 27.46
CA ASN A 153 -17.37 8.95 28.01
C ASN A 153 -18.47 9.11 26.94
N ASP A 154 -19.44 10.01 27.16
CA ASP A 154 -20.60 10.10 26.27
C ASP A 154 -20.25 10.70 24.92
N SER A 155 -19.22 11.56 24.86
CA SER A 155 -18.78 12.09 23.55
C SER A 155 -18.15 10.97 22.69
N GLN A 156 -17.36 10.09 23.30
CA GLN A 156 -16.76 8.95 22.61
C GLN A 156 -17.84 7.94 22.19
N ARG A 157 -18.84 7.73 23.05
CA ARG A 157 -19.97 6.83 22.77
C ARG A 157 -20.79 7.35 21.59
N GLN A 158 -21.16 8.62 21.64
CA GLN A 158 -21.97 9.27 20.62
C GLN A 158 -21.20 9.35 19.31
N ALA A 159 -19.88 9.62 19.37
CA ALA A 159 -19.12 9.69 18.12
C ALA A 159 -19.01 8.29 17.46
N THR A 160 -18.92 7.23 18.29
CA THR A 160 -18.99 5.83 17.82
C THR A 160 -20.35 5.55 17.16
N LYS A 161 -21.42 6.01 17.80
CA LYS A 161 -22.75 5.86 17.23
C LYS A 161 -22.90 6.62 15.90
N ASP A 162 -22.35 7.84 15.83
CA ASP A 162 -22.30 8.61 14.56
C ASP A 162 -21.63 7.83 13.45
N ALA A 163 -20.54 7.13 13.75
CA ALA A 163 -19.87 6.25 12.76
C ALA A 163 -20.86 5.23 12.20
N GLY A 164 -21.63 4.61 13.10
CA GLY A 164 -22.69 3.68 12.70
C GLY A 164 -23.79 4.30 11.88
N THR A 165 -24.23 5.52 12.27
CA THR A 165 -25.25 6.26 11.52
C THR A 165 -24.76 6.58 10.13
N ILE A 166 -23.49 7.03 10.02
CA ILE A 166 -22.94 7.36 8.69
C ILE A 166 -22.93 6.10 7.77
N THR A 167 -22.60 4.94 8.33
CA THR A 167 -22.57 3.63 7.67
C THR A 167 -23.98 3.21 7.20
N GLY A 168 -25.01 3.72 7.90
CA GLY A 168 -26.41 3.40 7.59
C GLY A 168 -26.83 2.20 8.40
N LEU A 169 -26.29 2.07 9.63
CA LEU A 169 -26.78 1.05 10.56
C LEU A 169 -27.67 1.71 11.59
N ASN A 170 -28.79 1.04 11.94
CA ASN A 170 -29.55 1.37 13.13
C ASN A 170 -28.73 0.84 14.34
N VAL A 171 -28.16 1.72 15.16
CA VAL A 171 -27.35 1.26 16.30
C VAL A 171 -28.34 0.98 17.44
N LEU A 172 -28.64 -0.31 17.69
CA LEU A 172 -29.62 -0.73 18.70
C LEU A 172 -29.19 -0.26 20.09
N ARG A 173 -27.89 -0.36 20.37
CA ARG A 173 -27.30 0.03 21.66
C ARG A 173 -25.80 0.08 21.55
N ILE A 174 -25.18 1.02 22.25
CA ILE A 174 -23.73 0.99 22.49
C ILE A 174 -23.55 0.30 23.84
N ILE A 175 -22.83 -0.83 23.87
CA ILE A 175 -22.61 -1.53 25.16
C ILE A 175 -21.13 -1.63 25.46
N ASN A 176 -20.76 -1.78 26.74
CA ASN A 176 -19.35 -1.93 27.10
C ASN A 176 -18.78 -3.25 26.64
N GLU A 177 -17.58 -3.20 26.11
CA GLU A 177 -16.81 -4.38 25.69
C GLU A 177 -16.73 -5.46 26.80
N PRO A 178 -16.36 -5.12 28.09
CA PRO A 178 -16.35 -6.16 29.14
C PRO A 178 -17.74 -6.74 29.40
N THR A 179 -18.77 -5.90 29.28
CA THR A 179 -20.16 -6.35 29.41
C THR A 179 -20.52 -7.37 28.31
N ALA A 180 -20.24 -7.05 27.03
CA ALA A 180 -20.47 -7.98 25.92
C ALA A 180 -19.69 -9.31 26.15
N ALA A 181 -18.42 -9.27 26.58
CA ALA A 181 -17.68 -10.47 26.94
C ALA A 181 -18.40 -11.28 28.02
N ALA A 182 -18.95 -10.62 29.06
CA ALA A 182 -19.66 -11.38 30.12
C ALA A 182 -20.94 -12.00 29.55
N ILE A 183 -21.68 -11.28 28.69
CA ILE A 183 -22.87 -11.81 28.05
C ILE A 183 -22.56 -13.06 27.16
N ALA A 184 -21.47 -12.99 26.37
CA ALA A 184 -20.96 -14.14 25.61
C ALA A 184 -20.88 -15.42 26.44
N TYR A 185 -20.37 -15.31 27.66
CA TYR A 185 -20.32 -16.45 28.61
C TYR A 185 -21.63 -16.70 29.38
N GLY A 186 -22.71 -15.97 29.07
CA GLY A 186 -23.99 -16.24 29.76
C GLY A 186 -23.95 -15.92 31.25
N LEU A 187 -22.97 -15.07 31.67
CA LEU A 187 -22.73 -14.79 33.10
C LEU A 187 -23.85 -13.97 33.75
N ASP A 188 -24.67 -13.32 32.93
CA ASP A 188 -25.90 -12.66 33.41
C ASP A 188 -27.03 -13.66 33.67
N LYS A 189 -26.89 -14.91 33.18
CA LYS A 189 -27.93 -15.96 33.32
C LYS A 189 -27.42 -17.15 34.18
N LYS A 190 -26.11 -17.23 34.43
CA LYS A 190 -25.47 -18.29 35.20
C LYS A 190 -25.75 -18.13 36.70
N GLY A 191 -26.29 -19.17 37.33
CA GLY A 191 -26.52 -19.20 38.78
C GLY A 191 -27.21 -17.98 39.35
N CYS A 192 -28.36 -17.59 38.75
CA CYS A 192 -29.15 -16.41 39.13
C CYS A 192 -29.85 -16.63 40.45
C GLY A 194 -28.32 -14.99 43.03
N GLY A 195 -27.32 -14.54 43.78
CA GLY A 195 -27.10 -13.12 43.99
C GLY A 195 -26.22 -12.44 42.96
N GLU A 196 -25.41 -11.50 43.44
CA GLU A 196 -24.48 -10.70 42.68
C GLU A 196 -23.21 -11.50 42.34
N LYS A 197 -22.75 -11.37 41.10
CA LYS A 197 -21.47 -11.91 40.67
C LYS A 197 -20.49 -10.79 40.45
N ASN A 198 -19.31 -10.89 41.07
CA ASN A 198 -18.19 -10.03 40.69
C ASN A 198 -17.39 -10.70 39.59
N VAL A 199 -17.22 -9.99 38.46
CA VAL A 199 -16.63 -10.51 37.24
C VAL A 199 -15.45 -9.64 36.88
N LEU A 200 -14.27 -10.27 36.74
CA LEU A 200 -13.11 -9.59 36.21
C LEU A 200 -12.93 -9.94 34.74
N ILE A 201 -12.84 -8.93 33.89
CA ILE A 201 -12.55 -9.11 32.45
C ILE A 201 -11.07 -8.70 32.22
N PHE A 202 -10.31 -9.60 31.69
CA PHE A 202 -8.87 -9.38 31.50
C PHE A 202 -8.70 -9.35 29.97
N ASP A 203 -8.53 -8.15 29.44
CA ASP A 203 -8.57 -7.94 27.99
C ASP A 203 -7.25 -7.43 27.47
N LEU A 204 -6.48 -8.34 26.89
CA LEU A 204 -5.15 -8.01 26.41
C LEU A 204 -5.13 -8.22 24.90
N GLY A 205 -5.15 -7.14 24.17
CA GLY A 205 -5.21 -7.13 22.71
C GLY A 205 -3.84 -6.93 22.12
N GLY A 206 -3.84 -6.50 20.87
CA GLY A 206 -2.61 -6.23 20.15
C GLY A 206 -1.89 -4.97 20.60
N GLY A 207 -2.61 -3.96 21.11
CA GLY A 207 -2.02 -2.65 21.46
C GLY A 207 -2.63 -1.95 22.68
N THR A 208 -3.55 -2.64 23.37
CA THR A 208 -4.22 -2.14 24.59
C THR A 208 -4.41 -3.25 25.62
N PHE A 209 -4.40 -2.84 26.88
CA PHE A 209 -4.69 -3.76 27.97
C PHE A 209 -5.74 -3.16 28.91
N ASP A 210 -6.91 -3.79 29.01
CA ASP A 210 -8.02 -3.30 29.85
C ASP A 210 -8.42 -4.33 30.88
N VAL A 211 -8.39 -3.95 32.16
CA VAL A 211 -8.98 -4.78 33.19
C VAL A 211 -10.26 -4.08 33.65
N SER A 212 -11.38 -4.82 33.68
CA SER A 212 -12.63 -4.27 34.18
C SER A 212 -13.22 -5.21 35.23
N ILE A 213 -13.72 -4.64 36.31
CA ILE A 213 -14.48 -5.39 37.27
C ILE A 213 -15.94 -4.97 37.14
N LEU A 214 -16.82 -5.92 36.85
CA LEU A 214 -18.26 -5.64 36.80
C LEU A 214 -18.95 -6.38 37.93
N THR A 215 -20.10 -5.88 38.36
CA THR A 215 -21.02 -6.72 39.11
C THR A 215 -22.20 -7.02 38.22
N ILE A 216 -22.76 -8.21 38.39
CA ILE A 216 -23.90 -8.67 37.60
C ILE A 216 -24.91 -9.22 38.58
N GLU A 217 -26.14 -8.72 38.50
CA GLU A 217 -27.21 -9.13 39.40
C GLU A 217 -28.52 -8.96 38.73
N ASP A 218 -29.33 -10.02 38.75
CA ASP A 218 -30.66 -10.00 38.11
C ASP A 218 -30.59 -9.44 36.67
N GLY A 219 -29.52 -9.76 35.97
CA GLY A 219 -29.28 -9.32 34.58
C GLY A 219 -28.83 -7.88 34.40
N ILE A 220 -28.55 -7.16 35.50
CA ILE A 220 -28.08 -5.76 35.48
C ILE A 220 -26.57 -5.69 35.72
N PHE A 221 -25.84 -5.00 34.84
CA PHE A 221 -24.38 -4.81 34.89
C PHE A 221 -24.02 -3.44 35.44
N GLU A 222 -23.01 -3.38 36.33
CA GLU A 222 -22.40 -2.14 36.81
C GLU A 222 -20.89 -2.28 36.72
N VAL A 223 -20.25 -1.31 36.09
CA VAL A 223 -18.80 -1.20 36.10
C VAL A 223 -18.37 -0.72 37.47
N LYS A 224 -17.55 -1.53 38.16
CA LYS A 224 -17.07 -1.11 39.50
C LYS A 224 -15.69 -0.48 39.42
N SER A 225 -14.86 -0.91 38.47
CA SER A 225 -13.53 -0.31 38.33
C SER A 225 -12.94 -0.65 37.03
N THR A 226 -12.00 0.19 36.56
CA THR A 226 -11.29 -0.09 35.31
C THR A 226 -9.85 0.23 35.58
N ALA A 227 -8.95 -0.49 34.94
CA ALA A 227 -7.51 -0.27 35.07
C ALA A 227 -6.89 -0.82 33.81
N GLY A 228 -5.61 -0.54 33.63
CA GLY A 228 -4.90 -1.11 32.52
C GLY A 228 -3.75 -0.29 32.02
N ASP A 229 -3.47 -0.47 30.76
CA ASP A 229 -2.39 0.26 30.10
C ASP A 229 -2.81 0.42 28.64
N THR A 230 -3.13 1.65 28.23
CA THR A 230 -3.58 1.92 26.86
C THR A 230 -2.51 1.71 25.77
N HIS A 231 -1.24 1.41 26.14
CA HIS A 231 -0.19 1.20 25.14
C HIS A 231 0.61 -0.07 25.43
N LEU A 232 -0.08 -1.13 25.84
CA LEU A 232 0.56 -2.43 26.05
C LEU A 232 -0.26 -3.45 25.31
N GLY A 233 0.38 -4.25 24.47
CA GLY A 233 -0.31 -5.37 23.82
C GLY A 233 0.66 -6.35 23.22
N GLY A 234 0.11 -7.26 22.41
CA GLY A 234 0.84 -8.28 21.66
C GLY A 234 2.02 -7.74 20.85
N GLU A 235 1.85 -6.53 20.28
CA GLU A 235 2.95 -5.86 19.54
C GLU A 235 4.20 -5.67 20.40
N ASP A 236 4.05 -5.41 21.71
CA ASP A 236 5.20 -5.30 22.62
C ASP A 236 5.98 -6.62 22.78
N PHE A 237 5.26 -7.74 22.83
CA PHE A 237 5.86 -9.07 22.89
C PHE A 237 6.63 -9.37 21.60
N ASP A 238 6.06 -9.01 20.44
CA ASP A 238 6.73 -9.18 19.14
C ASP A 238 8.02 -8.34 19.08
N ASN A 239 8.00 -7.08 19.58
CA ASN A 239 9.22 -6.23 19.68
C ASN A 239 10.37 -6.94 20.41
N ARG A 240 10.05 -7.62 21.51
CA ARG A 240 11.03 -8.37 22.32
C ARG A 240 11.65 -9.48 21.51
N MET A 241 10.82 -10.25 20.79
CA MET A 241 11.30 -11.31 19.91
C MET A 241 12.16 -10.77 18.74
N VAL A 242 11.76 -9.64 18.15
CA VAL A 242 12.48 -9.01 17.02
C VAL A 242 13.89 -8.63 17.46
N SER A 243 14.03 -7.96 18.63
CA SER A 243 15.37 -7.63 19.17
C SER A 243 16.23 -8.85 19.39
N HIS A 244 15.66 -9.92 19.99
CA HIS A 244 16.38 -11.16 20.25
C HIS A 244 16.89 -11.77 18.93
N LEU A 245 16.00 -11.88 17.94
CA LEU A 245 16.35 -12.56 16.70
C LEU A 245 17.26 -11.70 15.83
N ALA A 246 17.13 -10.35 15.91
CA ALA A 246 18.05 -9.44 15.18
C ALA A 246 19.49 -9.63 15.71
N GLU A 247 19.66 -9.70 17.03
CA GLU A 247 20.92 -10.04 17.70
C GLU A 247 21.46 -11.40 17.28
N GLU A 248 20.59 -12.41 17.13
CA GLU A 248 21.01 -13.76 16.75
C GLU A 248 21.59 -13.71 15.34
N PHE A 249 20.87 -13.03 14.41
CA PHE A 249 21.29 -12.84 13.02
C PHE A 249 22.62 -12.13 12.99
N LYS A 250 22.77 -11.08 13.83
CA LYS A 250 24.08 -10.42 13.92
C LYS A 250 25.17 -11.38 14.40
N ARG A 251 24.94 -12.12 15.51
CA ARG A 251 25.93 -13.08 16.01
C ARG A 251 26.34 -14.11 14.94
N LYS A 252 25.35 -14.77 14.27
CA LYS A 252 25.62 -15.79 13.24
C LYS A 252 26.19 -15.25 11.92
N HIS A 253 25.67 -14.10 11.42
CA HIS A 253 26.00 -13.66 10.06
C HIS A 253 26.76 -12.32 9.99
N LYS A 254 27.12 -11.73 11.16
CA LYS A 254 27.88 -10.49 11.33
C LYS A 254 27.31 -9.31 10.54
N LYS A 255 25.99 -9.35 10.31
CA LYS A 255 25.22 -8.30 9.64
C LYS A 255 24.20 -7.73 10.63
N ASP A 256 24.22 -6.39 10.79
CA ASP A 256 23.28 -5.64 11.61
C ASP A 256 22.11 -5.18 10.68
N ILE A 257 20.92 -5.78 10.84
CA ILE A 257 19.71 -5.39 10.09
C ILE A 257 19.03 -4.14 10.69
N GLY A 258 19.48 -3.73 11.86
CA GLY A 258 18.90 -2.60 12.61
C GLY A 258 18.59 -1.36 11.78
N PRO A 259 19.55 -0.82 11.00
CA PRO A 259 19.27 0.37 10.18
C PRO A 259 18.40 0.14 8.96
N ASN A 260 17.98 -1.11 8.69
CA ASN A 260 17.29 -1.41 7.44
C ASN A 260 15.81 -1.71 7.74
N LYS A 261 14.94 -0.72 7.42
CA LYS A 261 13.47 -0.76 7.63
C LYS A 261 12.82 -2.06 7.16
N ARG A 262 13.12 -2.50 5.92
CA ARG A 262 12.44 -3.70 5.38
C ARG A 262 12.87 -4.97 6.12
N ALA A 263 14.16 -5.10 6.44
CA ALA A 263 14.63 -6.32 7.11
C ALA A 263 13.98 -6.45 8.50
N VAL A 264 13.84 -5.31 9.21
CA VAL A 264 13.21 -5.29 10.55
C VAL A 264 11.69 -5.62 10.46
N ARG A 265 10.98 -5.03 9.50
CA ARG A 265 9.58 -5.33 9.23
C ARG A 265 9.38 -6.82 8.90
N ARG A 266 10.25 -7.42 8.08
CA ARG A 266 10.07 -8.82 7.70
C ARG A 266 10.37 -9.72 8.92
N LEU A 267 11.39 -9.36 9.68
CA LEU A 267 11.64 -10.03 10.94
C LEU A 267 10.41 -9.92 11.84
N ARG A 268 9.80 -8.72 11.98
CA ARG A 268 8.61 -8.61 12.83
C ARG A 268 7.42 -9.49 12.35
N THR A 269 7.19 -9.57 11.02
CA THR A 269 6.15 -10.44 10.40
C THR A 269 6.38 -11.88 10.84
N ALA A 270 7.63 -12.39 10.71
CA ALA A 270 7.97 -13.76 11.14
C ALA A 270 7.73 -13.94 12.63
N CYS A 271 8.15 -12.96 13.43
CA CYS A 271 7.98 -13.00 14.91
C CYS A 271 6.53 -13.03 15.35
N GLU A 272 5.69 -12.24 14.69
CA GLU A 272 4.23 -12.22 14.99
C GLU A 272 3.62 -13.64 14.81
N ARG A 273 4.01 -14.31 13.72
CA ARG A 273 3.48 -15.64 13.34
C ARG A 273 4.04 -16.71 14.30
N ALA A 274 5.35 -16.64 14.62
CA ALA A 274 6.02 -17.52 15.59
C ALA A 274 5.32 -17.49 16.95
N LYS A 275 5.01 -16.26 17.45
CA LYS A 275 4.34 -16.03 18.73
C LYS A 275 2.98 -16.73 18.77
N ARG A 276 2.18 -16.64 17.68
CA ARG A 276 0.91 -17.36 17.59
C ARG A 276 1.11 -18.89 17.76
N THR A 277 2.04 -19.49 17.01
CA THR A 277 2.38 -20.93 17.09
C THR A 277 2.79 -21.31 18.52
N LEU A 278 3.55 -20.43 19.19
CA LEU A 278 4.03 -20.69 20.57
C LEU A 278 2.90 -20.79 21.59
N SER A 279 1.67 -20.30 21.26
CA SER A 279 0.51 -20.49 22.12
C SER A 279 0.00 -21.92 22.13
N SER A 280 0.30 -22.73 21.09
CA SER A 280 -0.12 -24.14 21.10
C SER A 280 1.04 -25.14 20.90
N SER A 281 2.24 -24.67 20.53
CA SER A 281 3.40 -25.57 20.38
C SER A 281 4.52 -25.01 21.25
N THR A 282 5.53 -25.81 21.58
CA THR A 282 6.61 -25.39 22.50
C THR A 282 7.80 -24.83 21.69
N GLN A 283 7.74 -24.91 20.35
CA GLN A 283 8.72 -24.36 19.41
C GLN A 283 8.02 -23.81 18.16
N ALA A 284 8.69 -22.85 17.47
CA ALA A 284 8.19 -22.25 16.22
C ALA A 284 9.39 -22.05 15.30
N SER A 285 9.18 -22.23 14.00
CA SER A 285 10.27 -22.08 13.06
C SER A 285 10.14 -20.79 12.24
N ILE A 286 11.25 -20.05 12.12
CA ILE A 286 11.37 -18.85 11.29
C ILE A 286 12.05 -19.28 10.00
N GLU A 287 11.51 -18.83 8.87
CA GLU A 287 11.95 -19.24 7.54
C GLU A 287 11.96 -18.01 6.63
N ILE A 288 12.90 -17.09 6.83
CA ILE A 288 12.99 -15.91 5.98
C ILE A 288 14.03 -16.06 4.89
N ASP A 289 13.59 -15.97 3.63
CA ASP A 289 14.51 -15.96 2.51
C ASP A 289 15.11 -14.59 2.32
N SER A 290 16.42 -14.53 2.04
CA SER A 290 17.22 -13.33 1.81
C SER A 290 16.80 -12.17 2.69
N LEU A 291 17.05 -12.35 4.00
CA LEU A 291 16.73 -11.32 4.96
C LEU A 291 17.64 -10.10 4.79
N TYR A 292 18.94 -10.34 4.46
CA TYR A 292 19.87 -9.23 4.38
C TYR A 292 21.05 -9.67 3.55
N GLU A 293 21.34 -8.91 2.45
CA GLU A 293 22.47 -9.16 1.56
C GLU A 293 22.48 -10.62 1.06
N GLY A 294 21.31 -11.09 0.61
CA GLY A 294 21.11 -12.45 0.13
C GLY A 294 21.31 -13.57 1.14
N VAL A 295 21.32 -13.26 2.44
CA VAL A 295 21.54 -14.25 3.50
C VAL A 295 20.18 -14.61 4.09
N ASP A 296 19.81 -15.89 3.98
CA ASP A 296 18.58 -16.42 4.57
C ASP A 296 18.63 -16.39 6.07
N PHE A 297 17.48 -16.25 6.71
CA PHE A 297 17.42 -16.46 8.16
C PHE A 297 16.41 -17.56 8.48
N TYR A 298 16.89 -18.80 8.60
CA TYR A 298 16.07 -19.93 9.04
C TYR A 298 16.54 -20.32 10.42
N THR A 299 15.62 -20.28 11.37
CA THR A 299 15.96 -20.53 12.76
C THR A 299 14.72 -21.02 13.44
N SER A 300 14.82 -21.32 14.75
CA SER A 300 13.66 -21.69 15.55
C SER A 300 13.78 -21.08 16.93
N ILE A 301 12.64 -20.87 17.57
CA ILE A 301 12.57 -20.23 18.88
C ILE A 301 11.68 -21.11 19.79
N THR A 302 12.03 -21.22 21.06
CA THR A 302 11.22 -22.05 21.98
C THR A 302 10.21 -21.15 22.70
N ARG A 303 9.14 -21.73 23.21
CA ARG A 303 8.20 -21.08 24.12
C ARG A 303 8.93 -20.51 25.37
N ALA A 304 9.83 -21.30 25.98
CA ALA A 304 10.55 -20.87 27.20
C ALA A 304 11.38 -19.57 26.96
N ARG A 305 12.14 -19.53 25.90
CA ARG A 305 12.83 -18.32 25.44
C ARG A 305 11.83 -17.13 25.26
N PHE A 306 10.70 -17.35 24.53
CA PHE A 306 9.66 -16.29 24.38
C PHE A 306 9.18 -15.72 25.74
N GLU A 307 8.91 -16.61 26.71
CA GLU A 307 8.49 -16.20 28.05
C GLU A 307 9.57 -15.42 28.77
N GLU A 308 10.83 -15.88 28.63
CA GLU A 308 11.98 -15.19 29.24
C GLU A 308 12.10 -13.74 28.71
N LEU A 309 12.03 -13.57 27.37
CA LEU A 309 12.19 -12.25 26.73
C LEU A 309 11.10 -11.25 27.17
N ASN A 310 9.97 -11.78 27.65
CA ASN A 310 8.77 -11.03 28.03
C ASN A 310 8.41 -11.13 29.54
N ALA A 311 9.34 -11.59 30.36
CA ALA A 311 9.10 -11.86 31.81
C ALA A 311 8.42 -10.65 32.52
N ASP A 312 8.96 -9.43 32.34
CA ASP A 312 8.42 -8.20 32.91
C ASP A 312 7.03 -7.86 32.38
N LEU A 313 6.84 -7.94 31.04
CA LEU A 313 5.59 -7.58 30.42
C LEU A 313 4.44 -8.50 30.86
N PHE A 314 4.68 -9.80 30.91
CA PHE A 314 3.64 -10.77 31.29
C PHE A 314 3.32 -10.63 32.79
N ARG A 315 4.35 -10.62 33.66
CA ARG A 315 4.09 -10.53 35.09
C ARG A 315 3.45 -9.18 35.43
N GLY A 316 3.88 -8.13 34.70
CA GLY A 316 3.37 -6.78 34.84
C GLY A 316 1.87 -6.64 34.66
N THR A 317 1.18 -7.57 33.93
CA THR A 317 -0.27 -7.48 33.67
C THR A 317 -1.06 -7.69 34.99
N LEU A 318 -0.41 -8.23 36.03
CA LEU A 318 -1.12 -8.42 37.31
C LEU A 318 -1.25 -7.11 38.10
N GLU A 319 -0.41 -6.10 37.80
CA GLU A 319 -0.50 -4.85 38.55
C GLU A 319 -1.86 -4.12 38.28
N PRO A 320 -2.30 -3.92 37.02
CA PRO A 320 -3.68 -3.46 36.80
C PRO A 320 -4.80 -4.33 37.42
N VAL A 321 -4.60 -5.65 37.53
CA VAL A 321 -5.54 -6.52 38.22
C VAL A 321 -5.63 -6.10 39.72
N GLU A 322 -4.47 -5.99 40.39
CA GLU A 322 -4.42 -5.54 41.78
C GLU A 322 -5.04 -4.13 41.97
N LYS A 323 -4.80 -3.23 41.00
CA LYS A 323 -5.33 -1.86 41.10
C LYS A 323 -6.86 -1.81 40.86
N ALA A 324 -7.38 -2.60 39.87
CA ALA A 324 -8.83 -2.69 39.66
C ALA A 324 -9.52 -3.26 40.92
N LEU A 325 -8.93 -4.31 41.53
CA LEU A 325 -9.46 -4.83 42.83
C LEU A 325 -9.49 -3.80 43.96
N ARG A 326 -8.39 -3.05 44.13
CA ARG A 326 -8.25 -2.05 45.20
C ARG A 326 -9.32 -0.93 44.96
N ASP A 327 -9.43 -0.44 43.69
CA ASP A 327 -10.48 0.54 43.33
C ASP A 327 -11.91 0.01 43.51
N ALA A 328 -12.18 -1.25 43.21
CA ALA A 328 -13.50 -1.87 43.44
C ALA A 328 -13.70 -2.21 44.91
N LYS A 329 -12.61 -2.17 45.72
CA LYS A 329 -12.56 -2.49 47.15
C LYS A 329 -12.95 -3.96 47.35
N LEU A 330 -12.37 -4.81 46.50
CA LEU A 330 -12.57 -6.24 46.58
C LEU A 330 -11.26 -6.92 46.88
N ASP A 331 -11.36 -8.02 47.60
CA ASP A 331 -10.28 -8.96 47.75
C ASP A 331 -10.35 -9.87 46.52
N LYS A 332 -9.19 -10.38 46.03
CA LYS A 332 -9.16 -11.26 44.84
C LYS A 332 -10.05 -12.52 45.00
N GLY A 333 -10.23 -12.98 46.25
CA GLY A 333 -11.14 -14.07 46.60
C GLY A 333 -12.62 -13.77 46.36
N GLN A 334 -12.95 -12.48 46.22
CA GLN A 334 -14.33 -12.05 45.96
C GLN A 334 -14.72 -12.03 44.47
N ILE A 335 -13.78 -12.36 43.56
CA ILE A 335 -14.11 -12.49 42.10
C ILE A 335 -14.71 -13.88 41.84
N GLN A 336 -15.96 -13.95 41.32
CA GLN A 336 -16.65 -15.22 41.01
C GLN A 336 -16.34 -15.73 39.61
N GLU A 337 -16.03 -14.82 38.66
CA GLU A 337 -15.76 -15.20 37.27
C GLU A 337 -14.63 -14.36 36.70
N ILE A 338 -13.69 -15.00 35.97
CA ILE A 338 -12.62 -14.28 35.26
C ILE A 338 -12.81 -14.61 33.79
N VAL A 339 -12.81 -13.59 32.90
CA VAL A 339 -13.04 -13.76 31.46
C VAL A 339 -11.80 -13.31 30.69
N LEU A 340 -11.27 -14.16 29.84
CA LEU A 340 -10.18 -13.79 28.96
C LEU A 340 -10.67 -13.18 27.65
N VAL A 341 -10.12 -12.02 27.27
CA VAL A 341 -10.52 -11.32 26.02
C VAL A 341 -9.23 -10.83 25.40
N GLY A 342 -9.16 -10.83 24.06
CA GLY A 342 -8.02 -10.37 23.31
C GLY A 342 -7.11 -11.54 22.96
N GLY A 343 -6.51 -11.46 21.77
CA GLY A 343 -5.68 -12.53 21.22
C GLY A 343 -4.52 -12.90 22.13
N SER A 344 -3.98 -11.89 22.85
CA SER A 344 -2.80 -12.13 23.71
C SER A 344 -3.09 -13.03 24.92
N THR A 345 -4.37 -13.24 25.27
CA THR A 345 -4.71 -14.08 26.42
C THR A 345 -4.62 -15.56 26.09
N ARG A 346 -4.32 -15.89 24.85
CA ARG A 346 -4.04 -17.27 24.45
C ARG A 346 -2.66 -17.69 24.96
N ILE A 347 -1.76 -16.74 25.32
CA ILE A 347 -0.38 -17.04 25.71
C ILE A 347 -0.49 -17.87 27.02
N PRO A 348 -0.03 -19.12 27.01
CA PRO A 348 -0.12 -19.97 28.22
C PRO A 348 0.46 -19.36 29.51
N LYS A 349 1.62 -18.66 29.40
CA LYS A 349 2.29 -18.05 30.56
C LYS A 349 1.39 -16.95 31.16
N ILE A 350 0.70 -16.16 30.33
CA ILE A 350 -0.30 -15.17 30.83
C ILE A 350 -1.47 -15.86 31.60
N GLN A 351 -2.04 -16.93 31.01
CA GLN A 351 -3.10 -17.71 31.65
C GLN A 351 -2.63 -18.27 33.00
N LYS A 352 -1.41 -18.89 33.03
CA LYS A 352 -0.79 -19.41 34.27
C LYS A 352 -0.64 -18.33 35.36
N LEU A 353 -0.06 -17.16 35.00
CA LEU A 353 0.12 -16.06 35.95
C LEU A 353 -1.20 -15.58 36.54
N LEU A 354 -2.21 -15.49 35.72
CA LEU A 354 -3.52 -14.98 36.14
C LEU A 354 -4.21 -16.01 37.03
N GLN A 355 -4.21 -17.27 36.59
CA GLN A 355 -4.76 -18.39 37.35
C GLN A 355 -4.06 -18.57 38.70
N ASP A 356 -2.70 -18.57 38.76
CA ASP A 356 -1.96 -18.57 40.05
C ASP A 356 -2.31 -17.39 40.97
N PHE A 357 -2.42 -16.18 40.41
CA PHE A 357 -2.81 -14.98 41.17
C PHE A 357 -4.18 -15.22 41.82
N PHE A 358 -5.10 -15.86 41.08
CA PHE A 358 -6.44 -16.14 41.59
C PHE A 358 -6.55 -17.49 42.31
N ASN A 359 -5.41 -18.00 42.86
CA ASN A 359 -5.36 -19.22 43.70
C ASN A 359 -5.88 -20.47 42.98
N GLY A 360 -5.61 -20.56 41.68
CA GLY A 360 -5.94 -21.76 40.89
C GLY A 360 -7.31 -21.76 40.24
N LYS A 361 -8.09 -20.70 40.45
CA LYS A 361 -9.44 -20.54 39.88
C LYS A 361 -9.42 -20.76 38.38
N GLU A 362 -10.36 -21.54 37.86
CA GLU A 362 -10.50 -21.77 36.42
C GLU A 362 -10.94 -20.51 35.65
N LEU A 363 -10.47 -20.35 34.41
CA LEU A 363 -10.70 -19.11 33.61
C LEU A 363 -11.79 -19.35 32.57
N ASN A 364 -12.64 -18.34 32.31
CA ASN A 364 -13.55 -18.46 31.17
C ASN A 364 -12.76 -18.17 29.92
N LYS A 365 -12.53 -19.21 29.09
CA LYS A 365 -11.60 -19.11 27.95
C LYS A 365 -12.00 -19.97 26.76
N SER A 366 -13.14 -20.66 26.83
CA SER A 366 -13.54 -21.55 25.76
C SER A 366 -14.00 -20.79 24.50
N ILE A 367 -14.35 -19.47 24.61
CA ILE A 367 -14.66 -18.67 23.38
C ILE A 367 -13.35 -18.07 22.88
N ASN A 368 -13.06 -18.20 21.58
CA ASN A 368 -11.89 -17.49 21.01
C ASN A 368 -11.85 -16.06 21.62
N PRO A 369 -10.77 -15.70 22.34
CA PRO A 369 -10.80 -14.42 23.09
C PRO A 369 -10.86 -13.16 22.24
N ASP A 370 -10.35 -13.20 20.99
CA ASP A 370 -10.47 -12.10 20.02
C ASP A 370 -11.88 -11.99 19.40
N GLU A 371 -12.77 -12.93 19.73
CA GLU A 371 -14.13 -12.93 19.18
C GLU A 371 -15.23 -12.75 20.23
N ALA A 372 -14.85 -12.78 21.51
CA ALA A 372 -15.81 -12.85 22.65
C ALA A 372 -16.70 -11.61 22.74
N VAL A 373 -16.11 -10.46 22.44
CA VAL A 373 -16.82 -9.19 22.49
C VAL A 373 -17.90 -9.14 21.38
N ALA A 374 -17.55 -9.47 20.13
CA ALA A 374 -18.53 -9.48 19.03
C ALA A 374 -19.59 -10.53 19.29
N TYR A 375 -19.17 -11.67 19.87
CA TYR A 375 -20.05 -12.77 20.25
C TYR A 375 -21.14 -12.27 21.22
N GLY A 376 -20.75 -11.58 22.30
CA GLY A 376 -21.71 -11.00 23.24
C GLY A 376 -22.57 -9.88 22.65
N ALA A 377 -21.98 -9.05 21.78
CA ALA A 377 -22.72 -8.01 21.08
C ALA A 377 -23.83 -8.63 20.18
N ALA A 378 -23.56 -9.76 19.53
CA ALA A 378 -24.55 -10.48 18.70
C ALA A 378 -25.67 -11.08 19.54
N VAL A 379 -25.33 -11.67 20.71
CA VAL A 379 -26.36 -12.12 21.65
C VAL A 379 -27.25 -10.95 22.06
N GLN A 380 -26.63 -9.84 22.48
CA GLN A 380 -27.37 -8.64 22.90
C GLN A 380 -28.28 -8.12 21.77
N ALA A 381 -27.76 -8.07 20.52
CA ALA A 381 -28.59 -7.68 19.36
C ALA A 381 -29.87 -8.52 19.22
N ALA A 382 -29.76 -9.87 19.32
CA ALA A 382 -30.90 -10.81 19.28
C ALA A 382 -31.96 -10.49 20.35
N ILE A 383 -31.50 -10.13 21.55
CA ILE A 383 -32.38 -9.80 22.67
C ILE A 383 -33.14 -8.55 22.32
N LEU A 384 -32.43 -7.51 21.84
CA LEU A 384 -33.04 -6.22 21.49
C LEU A 384 -33.99 -6.29 20.30
N ILE A 385 -33.70 -7.11 19.28
CA ILE A 385 -34.66 -7.16 18.15
C ILE A 385 -35.84 -8.10 18.47
N GLY A 386 -35.61 -9.07 19.35
CA GLY A 386 -36.64 -9.97 19.85
C GLY A 386 -37.13 -10.98 18.81
CA GLY B 6 25.71 -10.28 -6.85
C GLY B 6 25.61 -8.99 -6.07
N PRO B 7 24.39 -8.43 -5.89
CA PRO B 7 23.11 -8.86 -6.47
C PRO B 7 22.95 -8.64 -7.98
N ALA B 8 22.10 -9.46 -8.56
CA ALA B 8 21.68 -9.36 -9.97
C ALA B 8 20.60 -8.30 -10.16
N ILE B 9 20.95 -7.06 -10.62
CA ILE B 9 20.01 -5.90 -10.72
C ILE B 9 19.70 -5.46 -12.15
N GLY B 10 18.42 -5.25 -12.43
CA GLY B 10 17.98 -4.73 -13.73
C GLY B 10 17.37 -3.36 -13.61
N ILE B 11 17.75 -2.43 -14.50
CA ILE B 11 17.18 -1.06 -14.42
C ILE B 11 16.60 -0.63 -15.76
N ASP B 12 15.28 -0.34 -15.77
CA ASP B 12 14.61 0.35 -16.86
C ASP B 12 14.79 1.84 -16.61
N LEU B 13 15.63 2.51 -17.38
CA LEU B 13 15.86 3.94 -17.20
C LEU B 13 14.92 4.61 -18.19
N GLY B 14 13.74 4.95 -17.73
CA GLY B 14 12.65 5.40 -18.61
C GLY B 14 12.63 6.90 -18.82
N THR B 15 11.99 7.36 -19.91
CA THR B 15 11.86 8.79 -20.22
C THR B 15 11.20 9.56 -19.06
N THR B 16 10.09 9.05 -18.52
CA THR B 16 9.49 9.78 -17.41
C THR B 16 9.44 8.97 -16.12
N TYR B 17 9.49 7.62 -16.21
CA TYR B 17 9.56 6.76 -14.99
C TYR B 17 10.60 5.66 -15.17
N SER B 18 11.21 5.22 -14.06
CA SER B 18 12.22 4.18 -14.05
C SER B 18 11.76 3.07 -13.10
N CYS B 19 12.37 1.90 -13.22
CA CYS B 19 11.92 0.70 -12.51
C CYS B 19 13.16 -0.11 -12.25
N VAL B 20 13.29 -0.70 -11.05
CA VAL B 20 14.43 -1.57 -10.70
C VAL B 20 13.93 -2.93 -10.23
N GLY B 21 14.57 -3.98 -10.72
CA GLY B 21 14.27 -5.37 -10.32
C GLY B 21 15.52 -6.10 -9.88
N VAL B 22 15.34 -7.12 -9.05
CA VAL B 22 16.39 -8.06 -8.65
C VAL B 22 15.94 -9.49 -9.01
N PHE B 23 16.86 -10.28 -9.52
CA PHE B 23 16.66 -11.70 -9.66
C PHE B 23 17.30 -12.39 -8.47
N GLN B 24 16.47 -13.03 -7.62
CA GLN B 24 16.96 -13.85 -6.52
C GLN B 24 16.02 -15.02 -6.22
N HIS B 25 16.59 -16.14 -5.73
CA HIS B 25 15.87 -17.42 -5.48
C HIS B 25 15.04 -17.83 -6.69
N GLY B 26 15.63 -17.69 -7.88
CA GLY B 26 15.05 -18.15 -9.12
C GLY B 26 14.02 -17.24 -9.77
N LYS B 27 13.63 -16.12 -9.10
CA LYS B 27 12.55 -15.22 -9.58
C LYS B 27 12.90 -13.72 -9.53
N VAL B 28 12.13 -12.90 -10.26
CA VAL B 28 12.34 -11.45 -10.27
C VAL B 28 11.44 -10.85 -9.22
N GLU B 29 12.00 -9.98 -8.40
CA GLU B 29 11.21 -9.12 -7.53
C GLU B 29 11.42 -7.70 -7.98
N ILE B 30 10.31 -7.00 -8.25
CA ILE B 30 10.36 -5.62 -8.68
C ILE B 30 10.30 -4.79 -7.40
N ILE B 31 11.13 -3.75 -7.29
CA ILE B 31 11.38 -3.14 -5.98
C ILE B 31 10.65 -1.79 -5.81
N ALA B 32 9.78 -1.72 -4.78
CA ALA B 32 9.11 -0.46 -4.43
C ALA B 32 10.10 0.51 -3.80
N ASN B 33 9.93 1.78 -4.12
CA ASN B 33 10.78 2.85 -3.56
C ASN B 33 10.29 3.27 -2.14
N ASP B 34 10.90 4.31 -1.53
CA ASP B 34 10.57 4.72 -0.15
C ASP B 34 9.10 5.19 0.05
N GLN B 35 8.41 5.62 -1.02
CA GLN B 35 6.99 5.97 -1.03
C GLN B 35 6.11 4.77 -1.42
N GLY B 36 6.71 3.58 -1.52
CA GLY B 36 5.97 2.37 -1.86
C GLY B 36 5.64 2.22 -3.34
N ASN B 37 6.25 3.04 -4.20
CA ASN B 37 5.94 3.00 -5.63
C ASN B 37 6.91 2.07 -6.34
N ARG B 38 6.36 1.14 -7.14
CA ARG B 38 7.11 0.16 -7.93
C ARG B 38 7.78 0.78 -9.17
N THR B 39 7.43 2.03 -9.52
CA THR B 39 8.16 2.84 -10.53
C THR B 39 8.46 4.19 -9.90
N THR B 40 9.56 4.83 -10.36
CA THR B 40 10.06 6.07 -9.77
C THR B 40 10.19 7.14 -10.88
N PRO B 41 9.66 8.36 -10.72
CA PRO B 41 9.81 9.37 -11.77
C PRO B 41 11.28 9.61 -12.12
N SER B 42 11.60 9.71 -13.40
CA SER B 42 12.96 10.05 -13.85
C SER B 42 13.09 11.56 -13.79
N TYR B 43 12.90 12.12 -12.57
CA TYR B 43 12.83 13.57 -12.37
C TYR B 43 13.90 13.98 -11.41
N VAL B 44 14.56 15.12 -11.69
CA VAL B 44 15.54 15.72 -10.76
C VAL B 44 15.19 17.20 -10.57
N ALA B 45 15.07 17.64 -9.32
CA ALA B 45 14.76 19.04 -9.06
C ALA B 45 15.85 19.71 -8.25
N PHE B 46 16.11 20.96 -8.57
CA PHE B 46 17.09 21.77 -7.83
C PHE B 46 16.36 22.86 -7.13
N THR B 47 16.62 23.06 -5.84
CA THR B 47 15.89 24.05 -5.04
C THR B 47 16.92 25.00 -4.41
N ASP B 48 16.45 25.95 -3.58
CA ASP B 48 17.35 26.82 -2.83
C ASP B 48 18.31 26.06 -1.88
N THR B 49 17.95 24.82 -1.49
CA THR B 49 18.80 24.09 -0.53
C THR B 49 19.25 22.70 -0.99
N GLU B 50 18.50 22.08 -1.91
CA GLU B 50 18.76 20.67 -2.11
C GLU B 50 18.44 20.16 -3.49
N ARG B 51 18.92 18.95 -3.76
CA ARG B 51 18.69 18.31 -5.04
C ARG B 51 17.75 17.13 -4.74
N LEU B 52 16.59 17.13 -5.36
CA LEU B 52 15.54 16.13 -5.15
C LEU B 52 15.50 15.18 -6.35
N ILE B 53 15.35 13.87 -6.09
CA ILE B 53 15.23 12.87 -7.15
C ILE B 53 14.00 12.03 -6.94
N GLY B 54 13.33 11.71 -8.05
CA GLY B 54 12.27 10.69 -8.06
C GLY B 54 10.97 11.32 -7.63
N ASP B 55 10.22 10.66 -6.72
CA ASP B 55 8.91 11.13 -6.29
C ASP B 55 8.97 12.53 -5.67
N ALA B 56 9.97 12.81 -4.84
CA ALA B 56 10.12 14.16 -4.25
C ALA B 56 10.32 15.27 -5.30
N ALA B 57 11.07 14.98 -6.38
CA ALA B 57 11.27 15.89 -7.51
C ALA B 57 9.92 16.04 -8.24
N LYS B 58 9.26 14.93 -8.62
CA LYS B 58 7.98 15.05 -9.34
C LYS B 58 6.86 15.74 -8.52
N ASN B 59 6.81 15.52 -7.20
CA ASN B 59 5.78 16.06 -6.32
C ASN B 59 5.82 17.59 -6.19
N GLN B 60 7.01 18.22 -6.35
CA GLN B 60 7.10 19.70 -6.33
C GLN B 60 7.22 20.34 -7.75
N VAL B 61 7.00 19.57 -8.85
CA VAL B 61 7.23 20.08 -10.21
C VAL B 61 6.43 21.36 -10.51
N ALA B 62 5.17 21.46 -10.05
CA ALA B 62 4.33 22.61 -10.37
C ALA B 62 4.79 23.86 -9.61
N MET B 63 5.45 23.66 -8.45
CA MET B 63 5.97 24.74 -7.60
C MET B 63 7.33 25.21 -8.07
N ASN B 64 8.00 24.42 -8.91
CA ASN B 64 9.37 24.75 -9.29
C ASN B 64 9.69 24.27 -10.74
N PRO B 65 8.87 24.62 -11.78
CA PRO B 65 9.00 23.94 -13.09
C PRO B 65 10.26 24.26 -13.88
N THR B 66 10.81 25.47 -13.72
CA THR B 66 12.03 25.84 -14.46
C THR B 66 13.26 25.14 -13.91
N ASN B 67 13.19 24.62 -12.66
CA ASN B 67 14.36 23.92 -12.06
C ASN B 67 14.14 22.42 -11.83
N THR B 68 13.09 21.85 -12.45
CA THR B 68 12.75 20.43 -12.34
C THR B 68 12.93 19.75 -13.69
N ILE B 69 13.95 18.94 -13.79
CA ILE B 69 14.34 18.23 -15.00
C ILE B 69 13.63 16.87 -15.12
N PHE B 70 13.13 16.58 -16.30
CA PHE B 70 12.56 15.30 -16.73
C PHE B 70 12.95 15.22 -18.23
N ASP B 71 12.71 14.06 -18.89
CA ASP B 71 13.05 13.87 -20.32
C ASP B 71 14.50 14.05 -20.66
N ALA B 72 15.43 13.89 -19.71
CA ALA B 72 16.87 13.93 -20.02
C ALA B 72 17.20 12.81 -21.00
N LYS B 73 16.38 11.71 -21.02
CA LYS B 73 16.59 10.61 -21.98
C LYS B 73 16.41 11.07 -23.45
N ARG B 74 15.66 12.17 -23.66
CA ARG B 74 15.48 12.71 -25.01
C ARG B 74 16.71 13.50 -25.46
N LEU B 75 17.62 13.85 -24.51
CA LEU B 75 18.84 14.64 -24.79
C LEU B 75 20.08 13.80 -24.80
N ILE B 76 20.05 12.69 -24.05
CA ILE B 76 21.29 11.96 -23.73
C ILE B 76 21.96 11.45 -25.04
N GLY B 77 23.29 11.62 -25.16
CA GLY B 77 24.00 11.12 -26.33
C GLY B 77 23.77 11.92 -27.61
N ARG B 78 23.02 13.03 -27.55
CA ARG B 78 22.70 13.83 -28.77
C ARG B 78 23.57 15.13 -28.81
N LYS B 79 23.57 15.87 -29.94
CA LYS B 79 24.26 17.17 -30.00
C LYS B 79 23.17 18.23 -29.86
N PHE B 80 23.55 19.40 -29.35
CA PHE B 80 22.62 20.50 -29.12
C PHE B 80 21.89 20.89 -30.45
N GLU B 81 22.64 20.88 -31.57
CA GLU B 81 22.15 21.20 -32.92
C GLU B 81 21.19 20.19 -33.55
N ASP B 82 21.01 19.00 -32.94
CA ASP B 82 20.14 17.96 -33.50
C ASP B 82 18.71 18.45 -33.58
N ALA B 83 18.04 18.16 -34.69
CA ALA B 83 16.66 18.63 -34.95
C ALA B 83 15.67 18.21 -33.80
N THR B 84 15.79 16.97 -33.26
CA THR B 84 14.91 16.51 -32.16
C THR B 84 15.14 17.35 -30.87
N VAL B 85 16.40 17.73 -30.58
CA VAL B 85 16.70 18.55 -29.39
C VAL B 85 16.08 19.95 -29.59
N GLN B 86 16.37 20.58 -30.74
CA GLN B 86 15.82 21.92 -31.02
C GLN B 86 14.28 21.89 -30.98
N SER B 87 13.67 20.83 -31.47
CA SER B 87 12.20 20.71 -31.50
C SER B 87 11.64 20.52 -30.03
N ASP B 88 12.23 19.57 -29.28
CA ASP B 88 11.83 19.26 -27.89
C ASP B 88 11.93 20.47 -26.95
N MET B 89 12.99 21.25 -27.10
CA MET B 89 13.33 22.41 -26.28
C MET B 89 12.18 23.40 -26.22
N LYS B 90 11.43 23.53 -27.34
CA LYS B 90 10.28 24.44 -27.43
C LYS B 90 9.16 24.09 -26.43
N HIS B 91 9.09 22.84 -25.97
CA HIS B 91 8.02 22.36 -25.10
C HIS B 91 8.46 22.11 -23.66
N TRP B 92 9.73 22.43 -23.29
CA TRP B 92 10.15 22.18 -21.90
C TRP B 92 10.13 23.48 -21.11
N PRO B 93 9.78 23.45 -19.81
CA PRO B 93 9.79 24.70 -19.01
C PRO B 93 11.19 25.07 -18.50
N PHE B 94 12.12 24.12 -18.54
CA PHE B 94 13.50 24.39 -18.15
C PHE B 94 14.32 24.78 -19.37
N ARG B 95 15.45 25.45 -19.12
CA ARG B 95 16.37 25.89 -20.16
C ARG B 95 17.39 24.80 -20.55
N VAL B 96 17.68 24.71 -21.86
CA VAL B 96 18.69 23.82 -22.43
C VAL B 96 19.69 24.70 -23.17
N VAL B 97 20.97 24.55 -22.83
CA VAL B 97 22.07 25.37 -23.39
C VAL B 97 23.10 24.46 -24.03
N SER B 98 24.09 25.06 -24.66
CA SER B 98 25.08 24.33 -25.44
C SER B 98 26.47 24.48 -24.81
N GLU B 99 27.16 23.37 -24.60
CA GLU B 99 28.56 23.39 -24.16
C GLU B 99 29.35 22.43 -25.01
N GLY B 100 30.34 22.96 -25.74
CA GLY B 100 31.15 22.19 -26.69
C GLY B 100 30.29 21.34 -27.61
N GLY B 101 29.20 21.96 -28.13
CA GLY B 101 28.23 21.33 -29.01
C GLY B 101 27.29 20.34 -28.34
N LYS B 102 27.40 20.14 -27.01
CA LYS B 102 26.53 19.17 -26.31
C LYS B 102 25.40 19.88 -25.56
N PRO B 103 24.19 19.30 -25.45
CA PRO B 103 23.14 19.99 -24.69
C PRO B 103 23.39 19.80 -23.20
N LYS B 104 23.01 20.80 -22.43
CA LYS B 104 23.03 20.79 -20.96
C LYS B 104 21.75 21.44 -20.49
N VAL B 105 21.18 20.93 -19.42
CA VAL B 105 20.07 21.64 -18.79
C VAL B 105 20.66 22.72 -17.92
N GLN B 106 20.02 23.91 -17.88
CA GLN B 106 20.51 24.99 -17.04
C GLN B 106 19.45 25.28 -16.01
N VAL B 107 19.84 25.27 -14.73
CA VAL B 107 18.94 25.47 -13.60
C VAL B 107 19.56 26.44 -12.59
N GLU B 108 18.71 26.85 -11.64
CA GLU B 108 19.12 27.58 -10.46
C GLU B 108 19.17 26.59 -9.31
N TYR B 109 20.30 26.60 -8.55
CA TYR B 109 20.53 25.65 -7.47
C TYR B 109 21.30 26.36 -6.40
N LYS B 110 20.79 26.35 -5.13
CA LYS B 110 21.39 27.11 -4.03
C LYS B 110 21.65 28.60 -4.42
N GLY B 111 20.72 29.17 -5.20
CA GLY B 111 20.78 30.57 -5.61
C GLY B 111 21.79 30.89 -6.72
N GLU B 112 22.35 29.89 -7.36
CA GLU B 112 23.35 30.09 -8.41
C GLU B 112 22.92 29.31 -9.67
N THR B 113 23.39 29.75 -10.86
CA THR B 113 23.16 29.04 -12.11
C THR B 113 24.11 27.82 -12.23
N LYS B 114 23.56 26.62 -12.46
CA LYS B 114 24.39 25.43 -12.77
C LYS B 114 23.91 24.82 -14.08
N THR B 115 24.83 24.11 -14.74
CA THR B 115 24.50 23.33 -15.92
C THR B 115 24.87 21.90 -15.70
N PHE B 116 24.06 20.99 -16.23
CA PHE B 116 24.29 19.54 -16.11
C PHE B 116 24.11 18.88 -17.45
N PHE B 117 25.05 18.03 -17.82
CA PHE B 117 24.93 17.12 -18.96
C PHE B 117 23.75 16.15 -18.76
N PRO B 118 23.09 15.67 -19.85
CA PRO B 118 21.98 14.70 -19.67
C PRO B 118 22.40 13.47 -18.87
N GLU B 119 23.65 12.98 -19.05
CA GLU B 119 24.15 11.78 -18.34
C GLU B 119 24.32 12.04 -16.85
N GLU B 120 24.60 13.31 -16.45
CA GLU B 120 24.63 13.67 -15.02
C GLU B 120 23.26 13.63 -14.43
N ILE B 121 22.25 14.16 -15.14
CA ILE B 121 20.84 14.02 -14.65
C ILE B 121 20.46 12.52 -14.56
N SER B 122 20.70 11.76 -15.63
CA SER B 122 20.36 10.33 -15.59
C SER B 122 21.19 9.57 -14.53
N SER B 123 22.44 10.02 -14.24
CA SER B 123 23.18 9.35 -13.15
C SER B 123 22.50 9.59 -11.78
N MET B 124 21.91 10.76 -11.55
CA MET B 124 21.16 11.06 -10.31
C MET B 124 19.95 10.15 -10.20
N VAL B 125 19.22 9.97 -11.33
CA VAL B 125 18.12 8.99 -11.38
C VAL B 125 18.65 7.59 -11.09
N LEU B 126 19.74 7.20 -11.75
CA LEU B 126 20.30 5.85 -11.49
C LEU B 126 20.77 5.67 -10.06
N THR B 127 21.33 6.71 -9.43
CA THR B 127 21.73 6.64 -7.99
C THR B 127 20.53 6.33 -7.11
N LYS B 128 19.43 7.02 -7.36
CA LYS B 128 18.15 6.79 -6.67
C LYS B 128 17.68 5.35 -6.89
N MET B 129 17.72 4.83 -8.15
CA MET B 129 17.29 3.45 -8.41
C MET B 129 18.22 2.46 -7.64
N LYS B 130 19.53 2.73 -7.66
CA LYS B 130 20.53 1.98 -6.88
C LYS B 130 20.21 2.01 -5.38
N GLU B 131 19.89 3.21 -4.81
CA GLU B 131 19.62 3.28 -3.37
C GLU B 131 18.31 2.57 -3.04
N ILE B 132 17.33 2.60 -3.96
CA ILE B 132 16.04 1.87 -3.80
C ILE B 132 16.32 0.35 -3.69
N ALA B 133 17.13 -0.19 -4.61
CA ALA B 133 17.52 -1.61 -4.54
C ALA B 133 18.36 -1.91 -3.26
N GLU B 134 19.26 -0.99 -2.84
CA GLU B 134 20.04 -1.23 -1.60
C GLU B 134 19.18 -1.19 -0.30
N ALA B 135 18.16 -0.32 -0.25
CA ALA B 135 17.18 -0.33 0.88
C ALA B 135 16.47 -1.72 0.93
N TYR B 136 16.07 -2.23 -0.23
CA TYR B 136 15.40 -3.53 -0.34
C TYR B 136 16.30 -4.71 0.03
N LEU B 137 17.55 -4.74 -0.46
CA LEU B 137 18.43 -5.93 -0.31
C LEU B 137 19.30 -5.86 0.93
N GLY B 138 19.65 -4.64 1.32
CA GLY B 138 20.71 -4.39 2.30
C GLY B 138 22.06 -4.38 1.61
N GLY B 139 23.06 -3.76 2.24
CA GLY B 139 24.41 -3.75 1.67
C GLY B 139 24.48 -2.90 0.43
N LYS B 140 25.35 -3.29 -0.51
CA LYS B 140 25.64 -2.49 -1.70
C LYS B 140 25.34 -3.24 -3.00
N VAL B 141 24.89 -2.48 -3.99
CA VAL B 141 24.70 -2.96 -5.35
C VAL B 141 25.93 -2.54 -6.14
N HIS B 142 26.57 -3.47 -6.86
CA HIS B 142 27.78 -3.23 -7.66
C HIS B 142 27.48 -3.14 -9.16
N SER B 143 26.54 -3.96 -9.64
CA SER B 143 26.39 -4.19 -11.08
C SER B 143 24.94 -4.01 -11.52
N ALA B 144 24.73 -3.65 -12.78
CA ALA B 144 23.37 -3.64 -13.32
C ALA B 144 23.38 -3.90 -14.81
N VAL B 145 22.27 -4.45 -15.29
CA VAL B 145 21.92 -4.34 -16.71
C VAL B 145 21.01 -3.12 -16.81
N ILE B 146 21.28 -2.21 -17.80
CA ILE B 146 20.44 -1.03 -18.03
C ILE B 146 19.95 -1.11 -19.46
N THR B 147 18.67 -0.77 -19.65
CA THR B 147 18.01 -0.87 -20.95
C THR B 147 17.96 0.47 -21.62
N VAL B 148 17.85 0.44 -22.97
CA VAL B 148 17.71 1.63 -23.84
C VAL B 148 16.75 1.29 -24.95
N PRO B 149 16.13 2.29 -25.60
CA PRO B 149 15.35 1.99 -26.80
C PRO B 149 16.19 1.33 -27.91
N ALA B 150 15.56 0.47 -28.70
CA ALA B 150 16.14 -0.30 -29.81
C ALA B 150 16.75 0.66 -30.85
N TYR B 151 16.13 1.83 -31.05
CA TYR B 151 16.64 2.81 -32.00
C TYR B 151 17.81 3.64 -31.46
N PHE B 152 18.21 3.50 -30.17
CA PHE B 152 19.36 4.28 -29.68
C PHE B 152 20.62 3.95 -30.46
N ASN B 153 21.40 4.98 -30.80
CA ASN B 153 22.66 4.77 -31.51
C ASN B 153 23.75 4.57 -30.44
N ASP B 154 24.99 4.35 -30.86
CA ASP B 154 26.13 4.10 -29.96
C ASP B 154 26.42 5.29 -29.07
N SER B 155 26.29 6.51 -29.56
CA SER B 155 26.51 7.70 -28.72
C SER B 155 25.45 7.75 -27.59
N GLN B 156 24.20 7.40 -27.89
CA GLN B 156 23.17 7.40 -26.85
C GLN B 156 23.38 6.24 -25.85
N ARG B 157 23.82 5.07 -26.36
CA ARG B 157 24.17 3.89 -25.54
C ARG B 157 25.36 4.20 -24.63
N GLN B 158 26.46 4.74 -25.18
CA GLN B 158 27.63 5.14 -24.41
C GLN B 158 27.31 6.19 -23.38
N ALA B 159 26.49 7.20 -23.75
CA ALA B 159 26.16 8.26 -22.77
C ALA B 159 25.28 7.71 -21.62
N THR B 160 24.40 6.75 -21.93
CA THR B 160 23.66 6.01 -20.90
C THR B 160 24.60 5.21 -19.96
N LYS B 161 25.56 4.53 -20.53
CA LYS B 161 26.54 3.75 -19.77
C LYS B 161 27.33 4.70 -18.89
N ASP B 162 27.69 5.87 -19.45
CA ASP B 162 28.39 6.93 -18.69
C ASP B 162 27.59 7.33 -17.47
N ALA B 163 26.24 7.43 -17.60
CA ALA B 163 25.39 7.70 -16.43
C ALA B 163 25.56 6.64 -15.37
N GLY B 164 25.58 5.36 -15.79
CA GLY B 164 25.83 4.26 -14.84
C GLY B 164 27.19 4.37 -14.18
N THR B 165 28.22 4.70 -14.95
CA THR B 165 29.53 4.63 -14.34
C THR B 165 29.75 5.84 -13.43
N ILE B 166 29.21 7.05 -13.78
CA ILE B 166 29.17 8.17 -12.80
C ILE B 166 28.47 7.80 -11.47
N THR B 167 27.33 7.06 -11.56
CA THR B 167 26.59 6.54 -10.40
C THR B 167 27.49 5.57 -9.59
N GLY B 168 28.48 4.96 -10.26
CA GLY B 168 29.36 3.98 -9.65
C GLY B 168 28.77 2.60 -9.78
N LEU B 169 28.06 2.34 -10.89
CA LEU B 169 27.64 0.97 -11.25
C LEU B 169 28.55 0.34 -12.29
N ASN B 170 28.89 -0.94 -12.11
CA ASN B 170 29.45 -1.75 -13.19
C ASN B 170 28.28 -2.08 -14.16
N VAL B 171 28.30 -1.52 -15.38
CA VAL B 171 27.17 -1.70 -16.32
C VAL B 171 27.53 -2.99 -17.08
N LEU B 172 26.89 -4.11 -16.72
CA LEU B 172 27.24 -5.43 -17.28
C LEU B 172 26.95 -5.45 -18.78
N ARG B 173 25.88 -4.79 -19.18
CA ARG B 173 25.45 -4.68 -20.59
C ARG B 173 24.39 -3.64 -20.70
N ILE B 174 24.37 -2.94 -21.84
CA ILE B 174 23.23 -2.14 -22.26
C ILE B 174 22.43 -3.04 -23.22
N ILE B 175 21.14 -3.29 -22.93
CA ILE B 175 20.35 -4.12 -23.83
C ILE B 175 19.14 -3.33 -24.22
N ASN B 176 18.55 -3.68 -25.36
CA ASN B 176 17.34 -3.03 -25.84
C ASN B 176 16.15 -3.31 -24.99
N GLU B 177 15.35 -2.27 -24.75
CA GLU B 177 14.10 -2.37 -24.01
C GLU B 177 13.18 -3.47 -24.55
N PRO B 178 12.87 -3.56 -25.88
CA PRO B 178 12.01 -4.67 -26.34
C PRO B 178 12.62 -6.06 -26.12
N THR B 179 13.95 -6.19 -26.22
CA THR B 179 14.66 -7.46 -25.94
C THR B 179 14.46 -7.83 -24.47
N ALA B 180 14.64 -6.86 -23.54
CA ALA B 180 14.41 -7.09 -22.13
C ALA B 180 12.97 -7.57 -21.90
N ALA B 181 11.96 -6.94 -22.49
CA ALA B 181 10.58 -7.46 -22.36
C ALA B 181 10.42 -8.90 -22.89
N ALA B 182 11.10 -9.24 -24.01
CA ALA B 182 11.00 -10.62 -24.53
C ALA B 182 11.66 -11.63 -23.55
N ILE B 183 12.78 -11.25 -22.94
CA ILE B 183 13.45 -12.05 -21.94
C ILE B 183 12.57 -12.25 -20.68
N ALA B 184 11.94 -11.18 -20.17
CA ALA B 184 10.96 -11.28 -19.07
C ALA B 184 9.94 -12.42 -19.34
N TYR B 185 9.42 -12.51 -20.57
CA TYR B 185 8.46 -13.59 -20.92
C TYR B 185 9.12 -14.92 -21.29
N GLY B 186 10.43 -15.01 -21.14
CA GLY B 186 11.18 -16.24 -21.46
C GLY B 186 11.08 -16.65 -22.92
N LEU B 187 10.83 -15.66 -23.84
CA LEU B 187 10.52 -15.98 -25.25
C LEU B 187 11.75 -16.53 -25.97
N ASP B 188 12.93 -16.26 -25.41
CA ASP B 188 14.18 -16.82 -25.91
C ASP B 188 14.37 -18.31 -25.54
N LYS B 189 13.60 -18.83 -24.57
CA LYS B 189 13.66 -20.23 -24.13
C LYS B 189 12.34 -20.97 -24.43
N LYS B 190 11.33 -20.29 -25.00
CA LYS B 190 10.04 -20.89 -25.32
C LYS B 190 10.13 -21.55 -26.71
N GLY B 191 9.71 -22.82 -26.79
CA GLY B 191 9.59 -23.55 -28.06
C GLY B 191 10.81 -23.52 -28.97
N CYS B 192 12.00 -23.84 -28.41
CA CYS B 192 13.29 -23.90 -29.10
C CYS B 192 13.44 -25.17 -29.96
C GLY B 194 13.39 -23.63 -32.95
N GLY B 195 12.72 -23.23 -34.02
CA GLY B 195 13.27 -22.28 -34.98
C GLY B 195 13.20 -20.83 -34.54
N GLU B 196 12.97 -19.97 -35.51
CA GLU B 196 12.90 -18.52 -35.37
C GLU B 196 11.50 -18.10 -34.89
N LYS B 197 11.46 -17.07 -34.07
CA LYS B 197 10.21 -16.50 -33.60
C LYS B 197 10.26 -15.04 -33.98
N ASN B 198 9.21 -14.57 -34.61
CA ASN B 198 8.96 -13.14 -34.80
C ASN B 198 8.12 -12.64 -33.63
N VAL B 199 8.62 -11.62 -32.95
CA VAL B 199 8.06 -11.07 -31.73
C VAL B 199 7.80 -9.60 -31.93
N LEU B 200 6.55 -9.18 -31.71
CA LEU B 200 6.23 -7.78 -31.76
C LEU B 200 6.06 -7.26 -30.32
N ILE B 201 6.81 -6.23 -29.97
CA ILE B 201 6.68 -5.48 -28.69
C ILE B 201 5.91 -4.21 -28.96
N PHE B 202 4.85 -4.00 -28.22
CA PHE B 202 3.98 -2.83 -28.36
C PHE B 202 4.13 -2.11 -27.02
N ASP B 203 4.84 -0.98 -27.05
CA ASP B 203 5.27 -0.31 -25.82
C ASP B 203 4.70 1.08 -25.78
N LEU B 204 3.67 1.25 -24.99
CA LEU B 204 2.95 2.50 -24.94
C LEU B 204 3.01 3.04 -23.52
N GLY B 205 3.84 4.05 -23.36
CA GLY B 205 4.17 4.64 -22.06
C GLY B 205 3.35 5.89 -21.83
N GLY B 206 3.82 6.72 -20.93
CA GLY B 206 3.18 7.99 -20.60
C GLY B 206 3.40 9.07 -21.64
N GLY B 207 4.52 9.01 -22.37
CA GLY B 207 4.82 10.03 -23.37
C GLY B 207 5.54 9.54 -24.61
N THR B 208 5.68 8.21 -24.78
CA THR B 208 6.33 7.62 -25.96
C THR B 208 5.61 6.34 -26.38
N PHE B 209 5.59 6.09 -27.70
CA PHE B 209 5.01 4.85 -28.21
C PHE B 209 6.05 4.17 -29.10
N ASP B 210 6.53 2.98 -28.70
CA ASP B 210 7.53 2.20 -29.47
C ASP B 210 7.00 0.87 -29.94
N VAL B 211 6.99 0.63 -31.27
CA VAL B 211 6.73 -0.73 -31.76
C VAL B 211 8.03 -1.33 -32.25
N SER B 212 8.40 -2.53 -31.75
CA SER B 212 9.59 -3.21 -32.27
C SER B 212 9.28 -4.60 -32.73
N ILE B 213 9.87 -4.99 -33.88
CA ILE B 213 9.76 -6.37 -34.31
C ILE B 213 11.10 -7.02 -34.11
N LEU B 214 11.13 -8.11 -33.34
CA LEU B 214 12.36 -8.88 -33.15
C LEU B 214 12.20 -10.28 -33.71
N THR B 215 13.31 -10.85 -34.17
CA THR B 215 13.39 -12.30 -34.36
C THR B 215 14.22 -12.87 -33.21
N ILE B 216 13.82 -14.03 -32.72
CA ILE B 216 14.57 -14.79 -31.70
C ILE B 216 14.75 -16.21 -32.19
N GLU B 217 15.96 -16.72 -32.11
CA GLU B 217 16.32 -18.04 -32.58
C GLU B 217 17.54 -18.49 -31.81
N ASP B 218 17.45 -19.67 -31.21
CA ASP B 218 18.52 -20.22 -30.37
C ASP B 218 19.11 -19.19 -29.36
N GLY B 219 18.23 -18.35 -28.81
CA GLY B 219 18.58 -17.35 -27.81
C GLY B 219 19.25 -16.09 -28.33
N ILE B 220 19.34 -15.93 -29.68
CA ILE B 220 19.92 -14.74 -30.34
C ILE B 220 18.79 -13.82 -30.78
N PHE B 221 18.88 -12.57 -30.35
CA PHE B 221 17.93 -11.51 -30.71
C PHE B 221 18.42 -10.68 -31.86
N GLU B 222 17.54 -10.40 -32.81
CA GLU B 222 17.79 -9.42 -33.84
C GLU B 222 16.59 -8.47 -34.02
N VAL B 223 16.86 -7.16 -34.02
CA VAL B 223 15.87 -6.13 -34.30
C VAL B 223 15.63 -6.11 -35.80
N LYS B 224 14.38 -6.36 -36.20
CA LYS B 224 14.00 -6.31 -37.61
C LYS B 224 13.45 -4.96 -38.06
N SER B 225 12.71 -4.27 -37.19
CA SER B 225 12.12 -2.97 -37.53
C SER B 225 11.71 -2.28 -36.24
N THR B 226 11.62 -0.96 -36.30
CA THR B 226 11.13 -0.15 -35.21
C THR B 226 10.22 0.91 -35.81
N ALA B 227 9.15 1.24 -35.10
CA ALA B 227 8.21 2.28 -35.57
C ALA B 227 7.61 2.87 -34.32
N GLY B 228 6.80 3.90 -34.47
CA GLY B 228 6.09 4.48 -33.35
C GLY B 228 5.96 5.97 -33.43
N ASP B 229 5.79 6.59 -32.26
CA ASP B 229 5.58 8.03 -32.12
C ASP B 229 6.24 8.43 -30.82
N THR B 230 7.28 9.25 -30.92
CA THR B 230 8.06 9.68 -29.75
C THR B 230 7.34 10.72 -28.87
N HIS B 231 6.14 11.16 -29.28
CA HIS B 231 5.43 12.17 -28.51
C HIS B 231 3.97 11.74 -28.37
N LEU B 232 3.72 10.43 -28.23
CA LEU B 232 2.39 9.93 -27.93
C LEU B 232 2.46 9.08 -26.71
N GLY B 233 1.58 9.34 -25.74
CA GLY B 233 1.38 8.39 -24.65
C GLY B 233 0.16 8.67 -23.82
N GLY B 234 0.17 8.10 -22.62
CA GLY B 234 -0.87 8.24 -21.61
C GLY B 234 -1.26 9.67 -21.34
N GLU B 235 -0.27 10.59 -21.31
CA GLU B 235 -0.57 12.00 -21.10
C GLU B 235 -1.56 12.59 -22.13
N ASP B 236 -1.50 12.12 -23.38
CA ASP B 236 -2.40 12.57 -24.45
C ASP B 236 -3.85 12.17 -24.18
N PHE B 237 -4.04 10.98 -23.61
CA PHE B 237 -5.33 10.44 -23.21
C PHE B 237 -5.89 11.27 -22.07
N ASP B 238 -5.02 11.63 -21.08
CA ASP B 238 -5.43 12.50 -19.97
C ASP B 238 -5.90 13.87 -20.47
N ASN B 239 -5.15 14.48 -21.40
CA ASN B 239 -5.51 15.77 -22.05
C ASN B 239 -6.92 15.76 -22.62
N ARG B 240 -7.32 14.64 -23.27
CA ARG B 240 -8.67 14.49 -23.82
C ARG B 240 -9.71 14.48 -22.70
N MET B 241 -9.40 13.80 -21.59
CA MET B 241 -10.38 13.81 -20.47
C MET B 241 -10.46 15.19 -19.81
N VAL B 242 -9.32 15.88 -19.69
CA VAL B 242 -9.24 17.23 -19.13
C VAL B 242 -10.16 18.17 -19.89
N SER B 243 -10.05 18.21 -21.25
CA SER B 243 -10.90 19.08 -22.07
C SER B 243 -12.38 18.78 -21.88
N HIS B 244 -12.73 17.48 -21.84
CA HIS B 244 -14.11 17.04 -21.68
C HIS B 244 -14.69 17.53 -20.34
N LEU B 245 -13.96 17.28 -19.26
CA LEU B 245 -14.42 17.62 -17.92
C LEU B 245 -14.37 19.11 -17.63
N ALA B 246 -13.39 19.84 -18.18
CA ALA B 246 -13.39 21.32 -18.14
C ALA B 246 -14.65 21.90 -18.83
N GLU B 247 -15.03 21.36 -19.99
CA GLU B 247 -16.28 21.79 -20.67
C GLU B 247 -17.50 21.47 -19.79
N GLU B 248 -17.52 20.27 -19.18
CA GLU B 248 -18.61 19.90 -18.26
C GLU B 248 -18.71 20.89 -17.11
N PHE B 249 -17.57 21.24 -16.46
CA PHE B 249 -17.56 22.21 -15.35
C PHE B 249 -18.14 23.56 -15.80
N LYS B 250 -17.76 24.01 -17.00
CA LYS B 250 -18.25 25.23 -17.61
C LYS B 250 -19.78 25.09 -17.86
N ARG B 251 -20.22 24.01 -18.50
CA ARG B 251 -21.65 23.75 -18.72
C ARG B 251 -22.45 23.77 -17.38
N LYS B 252 -21.94 23.10 -16.31
CA LYS B 252 -22.63 23.00 -15.01
C LYS B 252 -22.56 24.27 -14.12
N HIS B 253 -21.43 24.98 -14.12
CA HIS B 253 -21.21 26.08 -13.18
C HIS B 253 -20.89 27.43 -13.84
N LYS B 254 -20.93 27.50 -15.20
CA LYS B 254 -20.71 28.72 -15.98
C LYS B 254 -19.40 29.41 -15.60
N LYS B 255 -18.36 28.60 -15.41
CA LYS B 255 -17.01 29.02 -15.05
C LYS B 255 -16.00 28.35 -15.97
N ASP B 256 -15.21 29.15 -16.68
CA ASP B 256 -14.13 28.66 -17.55
C ASP B 256 -12.83 28.60 -16.71
N ILE B 257 -12.33 27.38 -16.44
CA ILE B 257 -11.09 27.13 -15.68
C ILE B 257 -9.85 27.23 -16.57
N GLY B 258 -10.08 27.26 -17.89
CA GLY B 258 -9.02 27.28 -18.90
C GLY B 258 -7.90 28.29 -18.69
N PRO B 259 -8.19 29.57 -18.41
CA PRO B 259 -7.09 30.50 -18.11
C PRO B 259 -6.36 30.28 -16.79
N ASN B 260 -6.84 29.38 -15.92
CA ASN B 260 -6.25 29.25 -14.58
C ASN B 260 -5.41 27.98 -14.52
N LYS B 261 -4.08 28.11 -14.45
CA LYS B 261 -3.21 26.93 -14.59
C LYS B 261 -3.33 25.97 -13.38
N ARG B 262 -3.60 26.47 -12.16
CA ARG B 262 -3.78 25.57 -11.00
C ARG B 262 -5.04 24.69 -11.19
N ALA B 263 -6.16 25.30 -11.58
CA ALA B 263 -7.40 24.53 -11.76
C ALA B 263 -7.22 23.46 -12.87
N VAL B 264 -6.52 23.81 -13.98
CA VAL B 264 -6.30 22.83 -15.07
C VAL B 264 -5.40 21.68 -14.59
N ARG B 265 -4.34 22.01 -13.87
CA ARG B 265 -3.43 21.02 -13.31
C ARG B 265 -4.14 20.03 -12.35
N ARG B 266 -4.96 20.55 -11.43
CA ARG B 266 -5.71 19.76 -10.48
C ARG B 266 -6.72 18.87 -11.22
N LEU B 267 -7.38 19.43 -12.24
CA LEU B 267 -8.20 18.62 -13.11
C LEU B 267 -7.38 17.51 -13.80
N ARG B 268 -6.20 17.83 -14.32
CA ARG B 268 -5.35 16.79 -14.91
C ARG B 268 -4.97 15.67 -13.93
N THR B 269 -4.65 16.01 -12.67
CA THR B 269 -4.31 15.05 -11.60
C THR B 269 -5.49 14.11 -11.41
N ALA B 270 -6.71 14.66 -11.30
CA ALA B 270 -7.92 13.85 -11.10
C ALA B 270 -8.12 12.91 -12.32
N CYS B 271 -7.92 13.45 -13.54
CA CYS B 271 -8.08 12.69 -14.79
C CYS B 271 -7.09 11.57 -14.96
N GLU B 272 -5.82 11.80 -14.55
CA GLU B 272 -4.78 10.75 -14.59
C GLU B 272 -5.24 9.55 -13.73
N ARG B 273 -5.79 9.84 -12.54
CA ARG B 273 -6.20 8.81 -11.57
C ARG B 273 -7.47 8.09 -12.04
N ALA B 274 -8.45 8.83 -12.59
CA ALA B 274 -9.70 8.26 -13.15
C ALA B 274 -9.38 7.28 -14.26
N LYS B 275 -8.47 7.68 -15.19
CA LYS B 275 -8.02 6.84 -16.28
C LYS B 275 -7.46 5.50 -15.76
N ARG B 276 -6.62 5.53 -14.70
CA ARG B 276 -6.11 4.27 -14.14
C ARG B 276 -7.25 3.32 -13.67
N THR B 277 -8.23 3.88 -12.92
CA THR B 277 -9.43 3.17 -12.43
C THR B 277 -10.20 2.54 -13.59
N LEU B 278 -10.30 3.27 -14.71
CA LEU B 278 -11.03 2.81 -15.88
C LEU B 278 -10.37 1.61 -16.58
N SER B 279 -9.13 1.28 -16.24
CA SER B 279 -8.52 0.06 -16.78
C SER B 279 -9.11 -1.20 -16.13
N SER B 280 -9.68 -1.07 -14.94
CA SER B 280 -10.29 -2.24 -14.27
C SER B 280 -11.76 -2.07 -13.87
N SER B 281 -12.28 -0.83 -13.91
CA SER B 281 -13.70 -0.56 -13.61
C SER B 281 -14.30 0.15 -14.81
N THR B 282 -15.62 0.11 -14.98
CA THR B 282 -16.30 0.77 -16.10
C THR B 282 -16.68 2.23 -15.77
N GLN B 283 -16.49 2.69 -14.51
CA GLN B 283 -16.76 4.09 -14.08
C GLN B 283 -15.65 4.50 -13.12
N ALA B 284 -15.39 5.82 -13.03
CA ALA B 284 -14.43 6.40 -12.09
C ALA B 284 -15.00 7.71 -11.53
N SER B 285 -14.73 8.01 -10.29
CA SER B 285 -15.30 9.19 -9.64
C SER B 285 -14.23 10.27 -9.46
N ILE B 286 -14.59 11.51 -9.80
CA ILE B 286 -13.73 12.71 -9.69
C ILE B 286 -14.24 13.43 -8.45
N GLU B 287 -13.33 13.82 -7.54
CA GLU B 287 -13.76 14.45 -6.28
C GLU B 287 -12.85 15.62 -5.97
N ILE B 288 -13.01 16.73 -6.67
CA ILE B 288 -12.14 17.90 -6.43
C ILE B 288 -12.82 18.94 -5.54
N ASP B 289 -12.20 19.22 -4.38
CA ASP B 289 -12.71 20.29 -3.53
C ASP B 289 -12.25 21.67 -4.02
N SER B 290 -13.16 22.66 -4.02
CA SER B 290 -12.87 24.04 -4.46
C SER B 290 -11.98 24.04 -5.71
N LEU B 291 -12.52 23.51 -6.82
CA LEU B 291 -11.81 23.55 -8.09
C LEU B 291 -11.67 25.01 -8.54
N TYR B 292 -12.76 25.82 -8.39
CA TYR B 292 -12.68 27.16 -8.91
C TYR B 292 -13.68 28.01 -8.20
N GLU B 293 -13.19 29.13 -7.61
CA GLU B 293 -14.00 30.14 -6.92
C GLU B 293 -14.83 29.51 -5.82
N GLY B 294 -14.24 28.58 -5.07
CA GLY B 294 -14.89 27.82 -4.01
C GLY B 294 -15.91 26.80 -4.44
N VAL B 295 -16.03 26.52 -5.76
CA VAL B 295 -16.98 25.53 -6.29
C VAL B 295 -16.30 24.15 -6.43
N ASP B 296 -16.87 23.11 -5.77
CA ASP B 296 -16.37 21.73 -5.85
C ASP B 296 -16.70 21.13 -7.20
N PHE B 297 -15.89 20.19 -7.67
CA PHE B 297 -16.20 19.43 -8.88
C PHE B 297 -16.18 17.94 -8.56
N TYR B 298 -17.33 17.40 -8.17
CA TYR B 298 -17.55 15.96 -7.98
C TYR B 298 -18.36 15.49 -9.16
N THR B 299 -17.84 14.49 -9.84
CA THR B 299 -18.50 13.94 -11.01
C THR B 299 -18.01 12.53 -11.24
N SER B 300 -18.52 11.87 -12.29
CA SER B 300 -18.11 10.52 -12.67
C SER B 300 -18.00 10.44 -14.18
N ILE B 301 -17.14 9.53 -14.65
CA ILE B 301 -16.82 9.34 -16.06
C ILE B 301 -16.86 7.83 -16.33
N THR B 302 -17.45 7.45 -17.44
CA THR B 302 -17.52 6.02 -17.81
C THR B 302 -16.31 5.66 -18.68
N ARG B 303 -15.97 4.38 -18.71
CA ARG B 303 -15.00 3.82 -19.67
C ARG B 303 -15.43 4.07 -21.12
N ALA B 304 -16.72 3.87 -21.43
CA ALA B 304 -17.25 4.15 -22.77
C ALA B 304 -16.95 5.61 -23.20
N ARG B 305 -17.20 6.60 -22.32
CA ARG B 305 -16.90 8.02 -22.58
C ARG B 305 -15.39 8.19 -22.84
N PHE B 306 -14.55 7.66 -21.93
CA PHE B 306 -13.07 7.73 -22.06
C PHE B 306 -12.57 7.20 -23.44
N GLU B 307 -13.14 6.10 -23.88
CA GLU B 307 -12.77 5.45 -25.15
C GLU B 307 -13.20 6.29 -26.34
N GLU B 308 -14.42 6.89 -26.27
CA GLU B 308 -14.91 7.83 -27.27
C GLU B 308 -14.00 9.06 -27.40
N LEU B 309 -13.63 9.70 -26.25
CA LEU B 309 -12.79 10.92 -26.28
C LEU B 309 -11.41 10.65 -26.92
N ASN B 310 -11.00 9.38 -26.92
CA ASN B 310 -9.71 8.92 -27.42
C ASN B 310 -9.76 8.00 -28.66
N ALA B 311 -10.88 8.01 -29.41
CA ALA B 311 -11.05 7.05 -30.52
C ALA B 311 -9.90 7.05 -31.55
N ASP B 312 -9.48 8.27 -31.99
CA ASP B 312 -8.36 8.45 -32.92
C ASP B 312 -7.03 7.99 -32.36
N LEU B 313 -6.73 8.39 -31.11
CA LEU B 313 -5.47 8.10 -30.47
C LEU B 313 -5.30 6.61 -30.30
N PHE B 314 -6.37 5.92 -29.86
CA PHE B 314 -6.34 4.47 -29.64
C PHE B 314 -6.18 3.68 -30.94
N ARG B 315 -7.07 3.91 -31.92
CA ARG B 315 -6.99 3.23 -33.21
C ARG B 315 -5.69 3.54 -33.93
N GLY B 316 -5.24 4.79 -33.81
CA GLY B 316 -4.03 5.27 -34.45
C GLY B 316 -2.78 4.49 -34.07
N THR B 317 -2.80 3.76 -32.90
CA THR B 317 -1.65 2.95 -32.48
C THR B 317 -1.41 1.76 -33.42
N LEU B 318 -2.41 1.38 -34.22
CA LEU B 318 -2.22 0.26 -35.16
C LEU B 318 -1.39 0.67 -36.39
N GLU B 319 -1.32 1.98 -36.71
CA GLU B 319 -0.51 2.42 -37.86
C GLU B 319 0.99 2.13 -37.67
N PRO B 320 1.67 2.48 -36.55
CA PRO B 320 3.05 1.97 -36.35
C PRO B 320 3.23 0.44 -36.39
N VAL B 321 2.23 -0.33 -35.91
CA VAL B 321 2.25 -1.77 -36.05
C VAL B 321 2.33 -2.19 -37.56
N GLU B 322 1.39 -1.70 -38.39
CA GLU B 322 1.44 -1.98 -39.81
C GLU B 322 2.74 -1.48 -40.46
N LYS B 323 3.26 -0.33 -40.02
CA LYS B 323 4.52 0.21 -40.58
C LYS B 323 5.70 -0.68 -40.21
N ALA B 324 5.80 -1.11 -38.94
CA ALA B 324 6.84 -2.02 -38.47
C ALA B 324 6.75 -3.32 -39.26
N LEU B 325 5.53 -3.84 -39.50
CA LEU B 325 5.36 -5.08 -40.32
C LEU B 325 5.91 -4.93 -41.74
N ARG B 326 5.54 -3.81 -42.40
CA ARG B 326 5.91 -3.52 -43.79
C ARG B 326 7.45 -3.38 -43.82
N ASP B 327 8.03 -2.65 -42.83
CA ASP B 327 9.48 -2.53 -42.73
C ASP B 327 10.17 -3.88 -42.49
N ALA B 328 9.61 -4.75 -41.62
CA ALA B 328 10.21 -6.08 -41.37
C ALA B 328 9.96 -7.08 -42.53
N LYS B 329 9.10 -6.68 -43.49
CA LYS B 329 8.64 -7.46 -44.65
C LYS B 329 7.93 -8.72 -44.13
N LEU B 330 7.06 -8.51 -43.14
CA LEU B 330 6.26 -9.55 -42.52
C LEU B 330 4.79 -9.26 -42.68
N ASP B 331 4.03 -10.30 -42.89
CA ASP B 331 2.59 -10.32 -42.77
C ASP B 331 2.28 -10.47 -41.26
N LYS B 332 1.16 -9.88 -40.77
CA LYS B 332 0.77 -9.96 -39.35
C LYS B 332 0.60 -11.43 -38.84
N GLY B 333 0.16 -12.34 -39.73
CA GLY B 333 0.10 -13.77 -39.48
C GLY B 333 1.43 -14.42 -39.14
N GLN B 334 2.55 -13.76 -39.52
CA GLN B 334 3.93 -14.25 -39.26
C GLN B 334 4.48 -13.84 -37.87
N ILE B 335 3.73 -13.00 -37.10
CA ILE B 335 4.12 -12.71 -35.71
C ILE B 335 3.73 -13.90 -34.81
N GLN B 336 4.73 -14.54 -34.12
CA GLN B 336 4.45 -15.61 -33.14
C GLN B 336 4.10 -15.13 -31.75
N GLU B 337 4.55 -13.93 -31.38
CA GLU B 337 4.36 -13.43 -30.04
C GLU B 337 4.14 -11.94 -30.05
N ILE B 338 3.17 -11.48 -29.26
CA ILE B 338 2.93 -10.04 -29.07
C ILE B 338 3.11 -9.75 -27.59
N VAL B 339 3.91 -8.71 -27.25
CA VAL B 339 4.24 -8.38 -25.84
C VAL B 339 3.76 -6.96 -25.52
N LEU B 340 2.98 -6.83 -24.46
CA LEU B 340 2.52 -5.50 -24.00
C LEU B 340 3.46 -4.85 -23.00
N VAL B 341 3.92 -3.62 -23.31
CA VAL B 341 4.88 -2.91 -22.45
C VAL B 341 4.32 -1.50 -22.29
N GLY B 342 4.50 -0.92 -21.10
CA GLY B 342 4.10 0.44 -20.77
C GLY B 342 2.74 0.47 -20.10
N GLY B 343 2.54 1.44 -19.19
CA GLY B 343 1.33 1.51 -18.36
C GLY B 343 0.09 1.64 -19.21
N SER B 344 0.19 2.33 -20.35
CA SER B 344 -1.01 2.58 -21.19
C SER B 344 -1.61 1.33 -21.81
N THR B 345 -0.85 0.21 -21.90
CA THR B 345 -1.34 -1.04 -22.51
C THR B 345 -2.30 -1.81 -21.62
N ARG B 346 -2.50 -1.35 -20.41
CA ARG B 346 -3.53 -1.85 -19.53
C ARG B 346 -4.94 -1.38 -19.99
N ILE B 347 -5.04 -0.35 -20.87
CA ILE B 347 -6.34 0.18 -21.31
C ILE B 347 -7.04 -0.99 -22.09
N PRO B 348 -8.19 -1.49 -21.61
CA PRO B 348 -8.85 -2.59 -22.33
C PRO B 348 -9.08 -2.36 -23.84
N LYS B 349 -9.50 -1.14 -24.24
CA LYS B 349 -9.80 -0.82 -25.66
C LYS B 349 -8.52 -0.97 -26.50
N ILE B 350 -7.36 -0.52 -26.00
CA ILE B 350 -6.07 -0.74 -26.69
C ILE B 350 -5.75 -2.25 -26.89
N GLN B 351 -5.87 -3.06 -25.82
CA GLN B 351 -5.72 -4.52 -25.90
C GLN B 351 -6.69 -5.11 -26.92
N LYS B 352 -7.97 -4.67 -26.90
CA LYS B 352 -8.98 -5.22 -27.83
C LYS B 352 -8.59 -4.91 -29.28
N LEU B 353 -8.22 -3.64 -29.58
CA LEU B 353 -7.82 -3.23 -30.93
C LEU B 353 -6.62 -4.04 -31.44
N LEU B 354 -5.61 -4.24 -30.59
CA LEU B 354 -4.43 -5.02 -30.94
C LEU B 354 -4.73 -6.49 -31.21
N GLN B 355 -5.48 -7.11 -30.30
CA GLN B 355 -5.90 -8.49 -30.41
C GLN B 355 -6.75 -8.72 -31.67
N ASP B 356 -7.78 -7.85 -31.93
CA ASP B 356 -8.57 -7.92 -33.18
C ASP B 356 -7.71 -7.79 -34.45
N PHE B 357 -6.77 -6.81 -34.46
CA PHE B 357 -5.82 -6.60 -35.57
C PHE B 357 -5.05 -7.91 -35.86
N PHE B 358 -4.64 -8.62 -34.80
CA PHE B 358 -3.91 -9.87 -34.90
C PHE B 358 -4.82 -11.12 -34.94
N ASN B 359 -6.07 -10.96 -35.42
CA ASN B 359 -7.07 -12.02 -35.59
C ASN B 359 -7.35 -12.86 -34.35
N GLY B 360 -7.42 -12.19 -33.20
CA GLY B 360 -7.80 -12.82 -31.94
C GLY B 360 -6.67 -13.45 -31.15
N LYS B 361 -5.40 -13.34 -31.66
CA LYS B 361 -4.23 -13.89 -30.99
C LYS B 361 -4.12 -13.39 -29.56
N GLU B 362 -3.83 -14.29 -28.61
CA GLU B 362 -3.63 -13.92 -27.21
C GLU B 362 -2.34 -13.11 -27.01
N LEU B 363 -2.40 -12.12 -26.13
CA LEU B 363 -1.26 -11.22 -25.88
C LEU B 363 -0.47 -11.64 -24.65
N ASN B 364 0.84 -11.46 -24.68
CA ASN B 364 1.66 -11.60 -23.48
C ASN B 364 1.45 -10.33 -22.62
N LYS B 365 0.80 -10.50 -21.46
CA LYS B 365 0.36 -9.37 -20.65
C LYS B 365 0.29 -9.67 -19.16
N SER B 366 0.66 -10.88 -18.74
CA SER B 366 0.63 -11.25 -17.33
C SER B 366 1.70 -10.52 -16.46
N ILE B 367 2.76 -9.95 -17.08
CA ILE B 367 3.75 -9.15 -16.28
C ILE B 367 3.27 -7.71 -16.27
N ASN B 368 3.20 -7.06 -15.10
CA ASN B 368 2.81 -5.63 -15.05
C ASN B 368 3.55 -4.92 -16.20
N PRO B 369 2.83 -4.29 -17.17
CA PRO B 369 3.52 -3.80 -18.38
C PRO B 369 4.54 -2.66 -18.12
N ASP B 370 4.36 -1.87 -17.03
CA ASP B 370 5.34 -0.84 -16.66
C ASP B 370 6.60 -1.40 -15.95
N GLU B 371 6.61 -2.75 -15.74
CA GLU B 371 7.68 -3.46 -15.01
C GLU B 371 8.43 -4.48 -15.85
N ALA B 372 7.90 -4.83 -17.01
CA ALA B 372 8.35 -5.93 -17.90
C ALA B 372 9.79 -5.70 -18.32
N VAL B 373 10.14 -4.45 -18.60
CA VAL B 373 11.47 -4.15 -19.12
C VAL B 373 12.53 -4.35 -17.98
N ALA B 374 12.29 -3.80 -16.77
CA ALA B 374 13.22 -3.99 -15.63
C ALA B 374 13.29 -5.48 -15.27
N TYR B 375 12.15 -6.16 -15.38
CA TYR B 375 12.01 -7.62 -15.12
C TYR B 375 13.01 -8.39 -15.99
N GLY B 376 13.01 -8.09 -17.30
CA GLY B 376 13.87 -8.75 -18.26
C GLY B 376 15.34 -8.39 -18.06
N ALA B 377 15.62 -7.11 -17.70
CA ALA B 377 16.99 -6.63 -17.44
C ALA B 377 17.56 -7.39 -16.22
N ALA B 378 16.74 -7.63 -15.18
CA ALA B 378 17.13 -8.38 -13.99
C ALA B 378 17.43 -9.87 -14.27
N VAL B 379 16.62 -10.53 -15.12
CA VAL B 379 16.92 -11.90 -15.58
C VAL B 379 18.27 -11.91 -16.29
N GLN B 380 18.46 -10.96 -17.23
CA GLN B 380 19.68 -10.87 -18.02
C GLN B 380 20.88 -10.61 -17.06
N ALA B 381 20.74 -9.72 -16.05
CA ALA B 381 21.84 -9.50 -15.08
C ALA B 381 22.26 -10.78 -14.35
N ALA B 382 21.28 -11.58 -13.89
CA ALA B 382 21.47 -12.90 -13.26
C ALA B 382 22.31 -13.83 -14.15
N ILE B 383 22.03 -13.84 -15.46
CA ILE B 383 22.73 -14.69 -16.43
C ILE B 383 24.17 -14.26 -16.53
N LEU B 384 24.41 -12.96 -16.74
CA LEU B 384 25.74 -12.38 -16.88
C LEU B 384 26.62 -12.53 -15.65
N ILE B 385 26.04 -12.50 -14.43
CA ILE B 385 26.89 -12.70 -13.24
C ILE B 385 27.07 -14.21 -12.92
N GLY B 386 26.13 -15.05 -13.38
CA GLY B 386 26.19 -16.50 -13.21
C GLY B 386 26.05 -16.95 -11.77
#